data_5E5H
#
_entry.id   5E5H
#
_cell.length_a   67.192
_cell.length_b   109.844
_cell.length_c   119.682
_cell.angle_alpha   90.00
_cell.angle_beta   90.00
_cell.angle_gamma   90.00
#
_symmetry.space_group_name_H-M   'P 21 21 21'
#
loop_
_entity.id
_entity.type
_entity.pdbx_description
1 polymer 'Succinyl-CoA:acetate CoA-transferase'
2 non-polymer 'CHLORIDE ION'
3 non-polymer '[[(2R,3S,4R,5R)-5-(6-aminopurin-9-yl)-4-oxidanyl-3-phosphonooxy-oxolan-2-yl]methoxy-oxidanyl-phosphoryl] [(3R)-2,2-dimethyl-3-oxidanyl-4-oxidanylidene-4-[[3-oxidanylidene-3-(propylamino)propyl]amino]butyl] hydrogen phosphate'
4 non-polymer 'ACETYL GROUP'
5 non-polymer 'FORMIC ACID'
6 non-polymer IMIDAZOLE
7 non-polymer 'ACETATE ION'
8 water water
#
_entity_poly.entity_id   1
_entity_poly.type   'polypeptide(L)'
_entity_poly.pdbx_seq_one_letter_code
;MTERIRNVALRSKV(CSX)PAETASELIKHGDVVGTSGFTGAGYPKEVPKALAQRMEAAHDRGEKYQISLITGASTGPQL
DGELAKANGVYFRSPFNTDATMRNRINAGETEYFDNHLGQVAGRAVQGNYGKFNIALVEATAITEDGGIVPTSSVGNSQT
FLNLAEKVIIEVNEWQNPMLEGIHDIWDGNVSGVPTRDIVPIVRADQRVGGPVLRVNPDKIAAIVRTNDRDRNAPFAAPD
ETAKAIAGYLLDFFGHEVKQNRLPPSLLPLQSGVGNVANAVLEGLKEGPFENLVGYSEVIQDGMLAMLDSGRMRIASASS
FSLSPEAAEEINNRMDFFRSKIILRQQDVSNSPGIIRRLGCIAMNGMIEADIYGNVNSTRVMGSKMMNGIGGSGDFARSS
YLSIFLSPSTAKGGKISAIVPMAAHVDHIMQDAQIFVTEQGLADLRGLSPVQRAREIISKCAHPDYRPMLQDYFDRALKN
SFGKHTPHLLTEALSWHQRFIDTGTMLPSSLEHHHHHH
;
_entity_poly.pdbx_strand_id   A,B
#
loop_
_chem_comp.id
_chem_comp.type
_chem_comp.name
_chem_comp.formula
0T1 non-polymer '[[(2R,3S,4R,5R)-5-(6-aminopurin-9-yl)-4-oxidanyl-3-phosphonooxy-oxolan-2-yl]methoxy-oxidanyl-phosphoryl] [(3R)-2,2-dimethyl-3-oxidanyl-4-oxidanylidene-4-[[3-oxidanylidene-3-(propylamino)propyl]amino]butyl] hydrogen phosphate' 'C22 H38 N7 O16 P3'
ACE non-polymer 'ACETYL GROUP' 'C2 H4 O'
ACT non-polymer 'ACETATE ION' 'C2 H3 O2 -1'
CL non-polymer 'CHLORIDE ION' 'Cl -1'
FMT non-polymer 'FORMIC ACID' 'C H2 O2'
IMD non-polymer IMIDAZOLE 'C3 H5 N2 1'
#
# COMPACT_ATOMS: atom_id res chain seq x y z
N THR A 2 -27.58 37.58 4.63
CA THR A 2 -28.08 36.69 5.67
C THR A 2 -26.99 36.41 6.71
N GLU A 3 -27.41 36.18 7.95
CA GLU A 3 -26.47 35.94 9.04
CA GLU A 3 -26.50 35.94 9.05
C GLU A 3 -25.93 34.52 8.97
N ARG A 4 -24.62 34.39 8.91
CA ARG A 4 -24.02 33.08 8.75
C ARG A 4 -23.84 32.36 10.09
N ILE A 5 -23.83 33.09 11.20
CA ILE A 5 -23.70 32.46 12.51
C ILE A 5 -25.09 32.42 13.12
N ARG A 6 -25.77 31.30 12.95
CA ARG A 6 -27.18 31.19 13.29
C ARG A 6 -27.36 30.74 14.74
N ASN A 7 -26.27 30.34 15.38
CA ASN A 7 -26.27 30.07 16.81
C ASN A 7 -25.92 31.35 17.55
N VAL A 8 -26.89 31.89 18.27
CA VAL A 8 -26.74 33.19 18.87
C VAL A 8 -25.59 33.19 19.89
N ALA A 9 -25.50 32.15 20.71
CA ALA A 9 -24.47 32.11 21.76
C ALA A 9 -23.06 32.20 21.17
N LEU A 10 -22.79 31.57 20.04
CA LEU A 10 -21.44 31.63 19.52
C LEU A 10 -21.06 33.02 18.98
N ARG A 11 -22.03 33.87 18.67
CA ARG A 11 -21.69 35.20 18.19
C ARG A 11 -20.86 36.00 19.17
N SER A 12 -20.90 35.66 20.46
CA SER A 12 -20.14 36.39 21.48
CA SER A 12 -20.15 36.41 21.46
C SER A 12 -18.66 36.08 21.38
N LYS A 13 -18.30 35.05 20.59
CA LYS A 13 -16.91 34.68 20.46
C LYS A 13 -16.27 35.24 19.22
N VAL A 14 -16.99 36.07 18.49
CA VAL A 14 -16.45 36.73 17.32
C VAL A 14 -15.42 37.80 17.71
N CSX A 15 -14.30 37.82 17.00
CA CSX A 15 -13.25 38.80 17.25
CB CSX A 15 -12.50 38.43 18.53
SG CSX A 15 -11.60 36.85 18.31
C CSX A 15 -12.33 38.92 16.10
O CSX A 15 -12.36 38.18 15.12
OD CSX A 15 -10.34 36.85 19.34
N PRO A 16 -11.44 39.94 16.16
CA PRO A 16 -10.59 40.19 14.99
C PRO A 16 -9.55 39.07 14.76
N ALA A 17 -9.16 38.90 13.50
CA ALA A 17 -8.17 37.89 13.15
C ALA A 17 -6.89 38.02 13.97
N GLU A 18 -6.39 39.24 14.08
CA GLU A 18 -5.14 39.50 14.78
C GLU A 18 -5.25 38.97 16.21
N THR A 19 -6.34 39.30 16.90
CA THR A 19 -6.51 38.83 18.26
C THR A 19 -6.64 37.32 18.37
N ALA A 20 -7.29 36.70 17.39
CA ALA A 20 -7.49 35.29 17.41
C ALA A 20 -6.13 34.62 17.24
N SER A 21 -5.27 35.23 16.45
CA SER A 21 -4.00 34.61 16.13
C SER A 21 -3.13 34.54 17.38
N GLU A 22 -3.37 35.45 18.34
CA GLU A 22 -2.61 35.44 19.59
C GLU A 22 -2.86 34.19 20.43
N LEU A 23 -3.92 33.44 20.10
CA LEU A 23 -4.23 32.18 20.81
C LEU A 23 -3.22 31.11 20.48
N ILE A 24 -2.53 31.28 19.36
CA ILE A 24 -1.59 30.31 18.83
C ILE A 24 -0.19 30.66 19.36
N LYS A 25 0.38 29.76 20.14
CA LYS A 25 1.68 29.99 20.78
C LYS A 25 2.83 29.28 20.08
N HIS A 26 4.02 29.80 20.29
CA HIS A 26 5.22 29.12 19.84
C HIS A 26 5.26 27.66 20.29
N GLY A 27 5.56 26.74 19.37
CA GLY A 27 5.58 25.33 19.68
C GLY A 27 4.24 24.59 19.52
N ASP A 28 3.16 25.32 19.32
CA ASP A 28 1.83 24.70 19.18
C ASP A 28 1.72 23.82 17.95
N VAL A 29 1.01 22.71 18.12
CA VAL A 29 0.57 21.88 17.01
C VAL A 29 -0.80 22.40 16.60
N VAL A 30 -0.90 22.76 15.33
CA VAL A 30 -2.07 23.40 14.76
C VAL A 30 -2.62 22.55 13.62
N GLY A 31 -3.85 22.06 13.79
CA GLY A 31 -4.55 21.37 12.72
C GLY A 31 -5.47 22.31 11.97
N THR A 32 -5.41 22.38 10.65
CA THR A 32 -6.30 23.27 9.89
C THR A 32 -7.11 22.57 8.79
N SER A 33 -8.19 23.22 8.40
CA SER A 33 -8.89 22.82 7.20
C SER A 33 -7.99 23.16 6.01
N GLY A 34 -8.35 22.65 4.84
CA GLY A 34 -7.55 22.94 3.65
C GLY A 34 -7.17 21.68 2.92
N PHE A 35 -7.55 21.63 1.65
CA PHE A 35 -7.35 20.49 0.78
C PHE A 35 -7.39 20.99 -0.67
N THR A 36 -6.39 20.60 -1.47
CA THR A 36 -6.17 21.08 -2.85
C THR A 36 -6.55 22.53 -3.08
N GLY A 37 -6.01 23.40 -2.24
CA GLY A 37 -6.22 24.83 -2.46
C GLY A 37 -7.58 25.31 -2.09
N ALA A 38 -8.36 24.52 -1.35
CA ALA A 38 -9.75 24.91 -1.03
C ALA A 38 -10.06 24.73 0.46
N GLY A 39 -10.65 25.75 1.06
CA GLY A 39 -11.26 25.58 2.36
C GLY A 39 -10.31 25.73 3.53
N TYR A 40 -9.11 26.26 3.26
CA TYR A 40 -8.13 26.56 4.28
C TYR A 40 -8.42 27.93 4.91
N PRO A 41 -8.09 28.07 6.19
CA PRO A 41 -8.17 29.38 6.83
C PRO A 41 -7.21 30.38 6.22
N LYS A 42 -7.58 31.66 6.23
CA LYS A 42 -6.92 32.67 5.43
C LYS A 42 -6.43 33.88 6.24
N GLU A 43 -7.31 34.42 7.06
CA GLU A 43 -6.99 35.66 7.77
C GLU A 43 -6.19 35.46 9.06
N VAL A 44 -6.51 34.45 9.84
CA VAL A 44 -5.75 34.19 11.05
C VAL A 44 -4.29 33.81 10.68
N PRO A 45 -4.08 32.90 9.69
CA PRO A 45 -2.68 32.65 9.31
C PRO A 45 -1.89 33.90 8.84
N LYS A 46 -2.54 34.82 8.12
CA LYS A 46 -1.84 36.02 7.70
C LYS A 46 -1.45 36.88 8.90
N ALA A 47 -2.32 36.96 9.91
CA ALA A 47 -2.02 37.77 11.08
C ALA A 47 -0.95 37.06 11.90
N LEU A 48 -0.99 35.73 11.92
CA LEU A 48 0.01 34.95 12.66
C LEU A 48 1.40 35.15 12.09
N ALA A 49 1.50 35.09 10.75
CA ALA A 49 2.76 35.23 10.05
C ALA A 49 3.43 36.56 10.37
N GLN A 50 2.62 37.61 10.39
CA GLN A 50 3.08 38.94 10.76
C GLN A 50 3.69 39.00 12.13
N ARG A 51 3.03 38.38 13.10
CA ARG A 51 3.50 38.45 14.47
C ARG A 51 4.73 37.57 14.63
N MET A 52 4.76 36.46 13.88
CA MET A 52 5.95 35.62 13.81
C MET A 52 7.16 36.40 13.32
N GLU A 53 7.02 37.08 12.19
CA GLU A 53 8.12 37.84 11.61
C GLU A 53 8.58 38.89 12.61
N ALA A 54 7.65 39.57 13.27
CA ALA A 54 7.98 40.61 14.26
C ALA A 54 8.75 40.01 15.42
N ALA A 55 8.31 38.86 15.90
CA ALA A 55 9.03 38.16 16.96
C ALA A 55 10.45 37.84 16.53
N HIS A 56 10.57 37.17 15.37
CA HIS A 56 11.88 36.79 14.83
C HIS A 56 12.84 37.99 14.71
N ASP A 57 12.32 39.11 14.25
CA ASP A 57 13.14 40.30 14.09
C ASP A 57 13.72 40.76 15.44
N ARG A 58 13.08 40.37 16.53
CA ARG A 58 13.55 40.75 17.88
C ARG A 58 14.26 39.58 18.55
N GLY A 59 14.56 38.53 17.80
CA GLY A 59 15.33 37.43 18.34
C GLY A 59 14.51 36.44 19.13
N GLU A 60 13.18 36.48 18.94
CA GLU A 60 12.28 35.62 19.66
C GLU A 60 11.77 34.49 18.75
N LYS A 61 11.83 33.26 19.23
CA LYS A 61 11.35 32.13 18.47
C LYS A 61 9.83 32.11 18.38
N TYR A 62 9.32 31.79 17.21
CA TYR A 62 7.87 31.67 17.03
C TYR A 62 7.61 30.80 15.83
N GLN A 63 7.36 29.52 16.10
CA GLN A 63 7.07 28.56 15.05
C GLN A 63 6.04 27.59 15.53
N ILE A 64 5.29 27.07 14.58
CA ILE A 64 4.31 26.03 14.84
C ILE A 64 4.57 24.77 14.04
N SER A 65 3.89 23.71 14.47
CA SER A 65 3.68 22.54 13.67
C SER A 65 2.31 22.67 12.98
N LEU A 66 2.29 22.46 11.66
CA LEU A 66 1.14 22.72 10.84
C LEU A 66 0.68 21.44 10.16
N ILE A 67 -0.45 20.91 10.61
CA ILE A 67 -1.02 19.67 10.10
C ILE A 67 -2.33 20.05 9.38
N THR A 68 -2.49 19.60 8.14
CA THR A 68 -3.60 20.04 7.31
C THR A 68 -4.42 18.85 6.81
N GLY A 69 -5.36 19.11 5.89
CA GLY A 69 -6.00 18.05 5.13
C GLY A 69 -5.01 17.62 4.03
N ALA A 70 -4.77 18.52 3.10
CA ALA A 70 -3.70 18.39 2.14
C ALA A 70 -3.13 19.79 1.86
N SER A 71 -3.04 20.20 0.62
CA SER A 71 -2.40 21.48 0.32
C SER A 71 -3.34 22.62 0.63
N THR A 72 -2.76 23.81 0.81
CA THR A 72 -3.52 24.97 1.21
C THR A 72 -3.31 26.01 0.15
N GLY A 73 -2.79 27.18 0.47
CA GLY A 73 -2.67 28.22 -0.53
C GLY A 73 -1.79 29.34 0.00
N PRO A 74 -1.67 30.41 -0.77
CA PRO A 74 -0.74 31.48 -0.40
C PRO A 74 -0.99 32.05 1.01
N GLN A 75 -2.24 32.18 1.44
CA GLN A 75 -2.50 32.85 2.70
C GLN A 75 -2.11 32.00 3.89
N LEU A 76 -1.91 30.70 3.68
CA LEU A 76 -1.57 29.86 4.81
C LEU A 76 -0.14 29.36 4.66
N ASP A 77 0.07 28.28 3.91
CA ASP A 77 1.43 27.82 3.65
C ASP A 77 2.37 28.92 3.17
N GLY A 78 1.91 29.79 2.26
CA GLY A 78 2.78 30.83 1.69
C GLY A 78 3.27 31.83 2.72
N GLU A 79 2.31 32.40 3.46
CA GLU A 79 2.58 33.44 4.43
C GLU A 79 3.42 32.89 5.57
N LEU A 80 3.06 31.72 6.05
CA LEU A 80 3.81 31.12 7.14
C LEU A 80 5.21 30.73 6.70
N ALA A 81 5.39 30.23 5.47
CA ALA A 81 6.77 29.87 5.04
C ALA A 81 7.59 31.13 4.81
N LYS A 82 6.94 32.19 4.32
CA LYS A 82 7.64 33.45 4.17
C LYS A 82 8.14 33.95 5.51
N ALA A 83 7.33 33.74 6.56
CA ALA A 83 7.71 34.20 7.88
C ALA A 83 8.68 33.26 8.55
N ASN A 84 9.00 32.15 7.88
CA ASN A 84 9.78 31.06 8.49
C ASN A 84 9.14 30.57 9.80
N GLY A 85 7.83 30.33 9.79
CA GLY A 85 7.11 30.13 11.03
C GLY A 85 6.66 28.72 11.26
N VAL A 86 7.18 27.77 10.48
CA VAL A 86 6.72 26.37 10.59
C VAL A 86 7.89 25.43 10.79
N TYR A 87 7.97 24.78 11.95
CA TYR A 87 9.09 23.85 12.22
C TYR A 87 8.78 22.44 11.70
N PHE A 88 7.50 22.07 11.64
CA PHE A 88 7.08 20.78 11.08
C PHE A 88 5.77 20.90 10.29
N ARG A 89 5.69 20.19 9.16
CA ARG A 89 4.58 20.28 8.22
C ARG A 89 4.16 18.89 7.76
N SER A 90 2.85 18.64 7.75
CA SER A 90 2.27 17.39 7.29
C SER A 90 0.81 17.58 6.85
N PRO A 91 0.33 16.84 5.84
CA PRO A 91 0.97 15.76 5.07
C PRO A 91 1.23 16.07 3.63
N PHE A 92 0.82 17.24 3.16
CA PHE A 92 0.90 17.52 1.74
C PHE A 92 0.93 19.03 1.53
N ASN A 93 1.88 19.48 0.69
CA ASN A 93 2.06 20.88 0.39
C ASN A 93 2.28 21.11 -1.08
N THR A 94 1.71 22.18 -1.61
CA THR A 94 2.06 22.59 -2.98
C THR A 94 2.55 24.02 -3.08
N ASP A 95 2.74 24.72 -1.95
CA ASP A 95 3.18 26.09 -2.01
C ASP A 95 4.68 26.15 -2.25
N ALA A 96 5.14 27.03 -3.13
CA ALA A 96 6.53 27.02 -3.53
C ALA A 96 7.42 27.52 -2.40
N THR A 97 6.95 28.46 -1.59
CA THR A 97 7.80 28.96 -0.50
C THR A 97 7.99 27.90 0.56
N MET A 98 6.90 27.23 0.93
CA MET A 98 6.95 26.13 1.86
C MET A 98 7.81 25.00 1.31
N ARG A 99 7.70 24.75 0.02
CA ARG A 99 8.53 23.70 -0.60
C ARG A 99 10.04 24.08 -0.46
N ASN A 100 10.39 25.34 -0.69
CA ASN A 100 11.77 25.73 -0.46
C ASN A 100 12.19 25.56 1.01
N ARG A 101 11.34 25.88 1.97
CA ARG A 101 11.70 25.67 3.39
C ARG A 101 11.97 24.20 3.65
N ILE A 102 11.12 23.36 3.09
CA ILE A 102 11.25 21.93 3.25
C ILE A 102 12.55 21.44 2.62
N ASN A 103 12.85 21.90 1.41
CA ASN A 103 14.03 21.39 0.72
C ASN A 103 15.36 21.96 1.19
N ALA A 104 15.28 23.05 1.95
CA ALA A 104 16.44 23.60 2.66
C ALA A 104 16.59 23.07 4.10
N GLY A 105 15.70 22.19 4.57
CA GLY A 105 15.81 21.69 5.96
C GLY A 105 15.39 22.66 7.06
N GLU A 106 14.65 23.70 6.67
CA GLU A 106 14.15 24.70 7.59
C GLU A 106 12.76 24.33 8.12
N THR A 107 12.06 23.50 7.37
CA THR A 107 10.81 22.93 7.84
C THR A 107 10.92 21.43 7.73
N GLU A 108 10.73 20.73 8.85
CA GLU A 108 10.68 19.27 8.85
C GLU A 108 9.36 18.81 8.22
N TYR A 109 9.41 17.79 7.39
CA TYR A 109 8.26 17.39 6.60
C TYR A 109 8.08 15.89 6.52
N PHE A 110 6.84 15.41 6.66
CA PHE A 110 6.57 14.00 6.37
C PHE A 110 5.24 13.87 5.68
N ASP A 111 5.28 13.33 4.47
CA ASP A 111 4.07 13.23 3.64
C ASP A 111 3.37 11.89 3.83
N ASN A 112 2.57 11.83 4.90
CA ASN A 112 1.75 10.64 5.19
C ASN A 112 0.69 10.43 4.12
N HIS A 113 0.34 9.17 3.87
CA HIS A 113 -0.83 8.82 3.06
C HIS A 113 -2.04 9.63 3.54
N LEU A 114 -2.73 10.32 2.65
CA LEU A 114 -3.77 11.24 3.10
C LEU A 114 -4.88 10.54 3.88
N GLY A 115 -5.25 9.32 3.50
CA GLY A 115 -6.33 8.60 4.17
C GLY A 115 -5.99 8.13 5.57
N GLN A 116 -4.69 8.16 5.90
CA GLN A 116 -4.16 7.72 7.20
C GLN A 116 -3.88 8.83 8.20
N VAL A 117 -3.84 10.07 7.73
CA VAL A 117 -3.48 11.20 8.57
C VAL A 117 -4.35 11.36 9.80
N ALA A 118 -5.66 11.28 9.63
CA ALA A 118 -6.56 11.38 10.79
C ALA A 118 -6.26 10.32 11.84
N GLY A 119 -6.10 9.08 11.39
CA GLY A 119 -5.78 7.98 12.28
C GLY A 119 -4.50 8.19 13.05
N ARG A 120 -3.47 8.64 12.35
CA ARG A 120 -2.19 8.83 12.99
C ARG A 120 -2.22 10.02 13.96
N ALA A 121 -3.01 11.04 13.61
CA ALA A 121 -3.22 12.17 14.54
C ALA A 121 -3.89 11.69 15.83
N VAL A 122 -4.93 10.88 15.71
CA VAL A 122 -5.59 10.32 16.90
C VAL A 122 -4.64 9.45 17.74
N GLN A 123 -3.79 8.66 17.08
CA GLN A 123 -2.79 7.83 17.76
C GLN A 123 -1.74 8.65 18.50
N GLY A 124 -1.63 9.92 18.13
CA GLY A 124 -0.77 10.85 18.85
C GLY A 124 0.53 11.09 18.11
N ASN A 125 0.63 10.65 16.88
CA ASN A 125 1.89 10.74 16.16
C ASN A 125 2.45 12.13 15.98
N TYR A 126 1.55 13.09 15.84
CA TYR A 126 1.93 14.50 15.69
C TYR A 126 1.98 15.22 17.03
N GLY A 127 1.70 14.49 18.09
CA GLY A 127 1.73 15.11 19.40
C GLY A 127 0.31 15.58 19.73
N LYS A 128 0.20 16.38 20.79
CA LYS A 128 -1.11 16.88 21.25
C LYS A 128 -1.51 18.12 20.44
N PHE A 129 -2.75 18.16 19.96
CA PHE A 129 -3.20 19.27 19.14
C PHE A 129 -3.62 20.42 20.04
N ASN A 130 -2.97 21.58 19.88
CA ASN A 130 -3.27 22.72 20.70
C ASN A 130 -4.44 23.54 20.09
N ILE A 131 -4.45 23.62 18.77
CA ILE A 131 -5.36 24.49 18.04
C ILE A 131 -5.91 23.75 16.83
N ALA A 132 -7.22 23.84 16.64
CA ALA A 132 -7.84 23.50 15.36
C ALA A 132 -8.28 24.82 14.72
N LEU A 133 -7.93 25.04 13.46
CA LEU A 133 -8.28 26.30 12.80
C LEU A 133 -8.99 26.00 11.48
N VAL A 134 -10.31 26.24 11.47
CA VAL A 134 -11.17 25.67 10.45
C VAL A 134 -12.06 26.74 9.79
N GLU A 135 -12.10 26.74 8.46
CA GLU A 135 -12.92 27.70 7.73
C GLU A 135 -14.34 27.13 7.59
N ALA A 136 -15.35 27.98 7.75
CA ALA A 136 -16.76 27.61 7.71
C ALA A 136 -17.57 28.50 6.79
N THR A 137 -18.60 27.89 6.20
CA THR A 137 -19.59 28.58 5.41
C THR A 137 -20.56 29.26 6.39
N ALA A 138 -20.86 28.52 7.44
CA ALA A 138 -21.90 28.89 8.39
C ALA A 138 -21.77 28.12 9.67
N ILE A 139 -22.45 28.62 10.67
CA ILE A 139 -22.64 27.92 11.90
C ILE A 139 -24.15 27.78 12.08
N THR A 140 -24.63 26.56 12.30
CA THR A 140 -26.05 26.32 12.35
C THR A 140 -26.64 26.66 13.70
N GLU A 141 -27.96 26.65 13.75
CA GLU A 141 -28.68 26.95 14.96
C GLU A 141 -28.20 26.13 16.18
N ASP A 142 -27.86 24.86 16.03
CA ASP A 142 -27.41 24.07 17.18
C ASP A 142 -25.87 24.03 17.28
N GLY A 143 -25.21 25.01 16.67
CA GLY A 143 -23.74 25.10 16.73
C GLY A 143 -22.96 24.13 15.86
N GLY A 144 -23.60 23.55 14.84
CA GLY A 144 -22.87 22.75 13.86
C GLY A 144 -21.99 23.63 12.96
N ILE A 145 -20.84 23.11 12.53
CA ILE A 145 -19.95 23.92 11.69
C ILE A 145 -20.10 23.44 10.27
N VAL A 146 -20.61 24.28 9.38
CA VAL A 146 -20.75 23.89 7.97
C VAL A 146 -19.41 24.13 7.31
N PRO A 147 -18.78 23.08 6.76
CA PRO A 147 -17.49 23.33 6.10
C PRO A 147 -17.63 24.16 4.83
N THR A 148 -16.51 24.46 4.18
CA THR A 148 -16.57 25.22 2.92
C THR A 148 -16.24 24.30 1.74
N SER A 149 -15.17 24.60 0.98
CA SER A 149 -14.96 23.93 -0.32
C SER A 149 -14.14 22.64 -0.17
N SER A 150 -13.93 22.21 1.07
CA SER A 150 -13.31 20.92 1.34
C SER A 150 -13.71 20.48 2.74
N VAL A 151 -13.68 19.16 2.99
CA VAL A 151 -13.79 18.61 4.32
C VAL A 151 -12.44 18.24 4.93
N GLY A 152 -11.62 17.48 4.19
CA GLY A 152 -10.30 17.13 4.68
C GLY A 152 -10.31 16.37 5.99
N ASN A 153 -9.48 16.81 6.95
CA ASN A 153 -9.41 16.24 8.30
C ASN A 153 -10.08 17.10 9.38
N SER A 154 -10.90 18.06 8.98
CA SER A 154 -11.38 19.06 9.92
C SER A 154 -12.11 18.46 11.12
N GLN A 155 -12.82 17.36 10.92
CA GLN A 155 -13.58 16.81 12.03
C GLN A 155 -12.64 16.18 13.03
N THR A 156 -11.60 15.54 12.54
CA THR A 156 -10.63 14.96 13.45
C THR A 156 -9.89 16.08 14.22
N PHE A 157 -9.54 17.17 13.54
CA PHE A 157 -8.80 18.22 14.20
C PHE A 157 -9.66 18.87 15.26
N LEU A 158 -10.95 19.03 14.95
CA LEU A 158 -11.91 19.59 15.91
C LEU A 158 -12.04 18.72 17.15
N ASN A 159 -12.06 17.40 16.97
CA ASN A 159 -12.16 16.49 18.10
C ASN A 159 -10.96 16.57 19.01
N LEU A 160 -9.77 16.65 18.41
CA LEU A 160 -8.52 16.51 19.15
C LEU A 160 -8.05 17.80 19.79
N ALA A 161 -8.31 18.93 19.16
CA ALA A 161 -7.72 20.18 19.57
C ALA A 161 -8.22 20.65 20.92
N GLU A 162 -7.30 21.24 21.68
CA GLU A 162 -7.65 21.82 22.98
C GLU A 162 -8.49 23.08 22.81
N LYS A 163 -8.13 23.93 21.84
CA LYS A 163 -8.92 25.15 21.50
C LYS A 163 -9.21 25.19 20.01
N VAL A 164 -10.31 25.83 19.68
CA VAL A 164 -10.79 25.90 18.33
C VAL A 164 -11.01 27.33 17.91
N ILE A 165 -10.59 27.61 16.68
CA ILE A 165 -10.81 28.91 16.06
C ILE A 165 -11.54 28.67 14.76
N ILE A 166 -12.63 29.37 14.54
CA ILE A 166 -13.41 29.24 13.29
C ILE A 166 -13.33 30.51 12.44
N GLU A 167 -13.05 30.38 11.17
CA GLU A 167 -13.18 31.50 10.24
C GLU A 167 -14.46 31.31 9.43
N VAL A 168 -15.42 32.23 9.58
CA VAL A 168 -16.68 32.19 8.84
C VAL A 168 -16.54 33.08 7.61
N ASN A 169 -16.44 32.46 6.43
CA ASN A 169 -16.03 33.16 5.23
C ASN A 169 -17.20 33.49 4.31
N GLU A 170 -17.58 34.75 4.23
CA GLU A 170 -18.78 35.13 3.48
C GLU A 170 -18.55 35.01 1.97
N TRP A 171 -17.29 34.88 1.54
CA TRP A 171 -16.96 34.56 0.15
C TRP A 171 -17.48 33.19 -0.29
N GLN A 172 -17.56 32.23 0.65
CA GLN A 172 -18.00 30.88 0.30
C GLN A 172 -19.53 30.85 0.16
N ASN A 173 -20.03 30.18 -0.87
CA ASN A 173 -21.44 30.14 -1.19
C ASN A 173 -22.27 29.46 -0.08
N PRO A 174 -23.31 30.13 0.44
CA PRO A 174 -24.15 29.58 1.51
C PRO A 174 -24.78 28.22 1.15
N MET A 175 -24.96 27.98 -0.15
CA MET A 175 -25.57 26.73 -0.63
C MET A 175 -24.59 25.56 -0.67
N LEU A 176 -23.35 25.78 -0.26
CA LEU A 176 -22.49 24.64 0.04
C LEU A 176 -23.09 23.81 1.20
N GLU A 177 -23.92 24.44 2.04
CA GLU A 177 -24.52 23.76 3.19
C GLU A 177 -25.42 22.64 2.67
N GLY A 178 -25.16 21.40 3.08
CA GLY A 178 -25.86 20.23 2.57
C GLY A 178 -24.99 19.39 1.62
N ILE A 179 -23.92 19.97 1.10
CA ILE A 179 -23.11 19.23 0.13
C ILE A 179 -22.14 18.25 0.82
N HIS A 180 -21.86 18.47 2.10
CA HIS A 180 -20.89 17.63 2.81
C HIS A 180 -21.58 16.45 3.46
N ASP A 181 -20.81 15.37 3.62
CA ASP A 181 -21.25 14.21 4.37
C ASP A 181 -20.19 13.89 5.44
N ILE A 182 -20.55 14.19 6.69
CA ILE A 182 -19.64 14.01 7.84
C ILE A 182 -20.18 12.91 8.71
N TRP A 183 -19.40 11.87 8.90
CA TRP A 183 -19.88 10.73 9.64
C TRP A 183 -19.42 10.74 11.08
N ASP A 184 -20.26 10.33 12.03
CA ASP A 184 -19.79 10.28 13.42
C ASP A 184 -19.28 8.88 13.78
N GLY A 185 -19.17 8.01 12.79
CA GLY A 185 -18.69 6.66 13.00
C GLY A 185 -17.18 6.65 13.25
N ASN A 186 -16.70 5.54 13.78
CA ASN A 186 -15.29 5.39 14.13
C ASN A 186 -14.50 4.94 12.92
N VAL A 187 -14.03 5.90 12.14
CA VAL A 187 -13.24 5.61 10.95
C VAL A 187 -11.76 5.57 11.32
N SER A 188 -11.31 6.52 12.13
CA SER A 188 -9.88 6.70 12.37
C SER A 188 -9.54 6.78 13.84
N GLY A 189 -10.44 6.29 14.65
CA GLY A 189 -10.27 6.31 16.10
C GLY A 189 -9.64 5.03 16.60
N VAL A 190 -9.90 4.76 17.86
CA VAL A 190 -9.29 3.62 18.50
C VAL A 190 -9.95 2.33 18.01
N PRO A 191 -9.15 1.27 17.77
CA PRO A 191 -9.76 -0.01 17.37
C PRO A 191 -10.58 -0.60 18.51
N THR A 192 -11.57 -1.44 18.22
CA THR A 192 -11.94 -1.79 16.84
C THR A 192 -12.73 -0.69 16.15
N ARG A 193 -12.38 -0.37 14.92
CA ARG A 193 -13.09 0.66 14.19
C ARG A 193 -14.41 0.12 13.67
N ASP A 194 -15.23 1.03 13.17
CA ASP A 194 -16.53 0.70 12.62
C ASP A 194 -16.37 0.29 11.17
N ILE A 195 -17.25 -0.57 10.71
CA ILE A 195 -17.46 -0.72 9.29
C ILE A 195 -17.99 0.60 8.74
N VAL A 196 -17.31 1.13 7.74
CA VAL A 196 -17.83 2.26 6.97
C VAL A 196 -18.69 1.65 5.87
N PRO A 197 -20.01 1.81 5.98
CA PRO A 197 -20.84 0.93 5.16
C PRO A 197 -21.12 1.48 3.76
N ILE A 198 -20.18 2.19 3.18
CA ILE A 198 -20.37 2.74 1.84
C ILE A 198 -20.30 1.61 0.80
N VAL A 199 -21.39 1.39 0.10
CA VAL A 199 -21.40 0.43 -1.00
C VAL A 199 -21.77 1.04 -2.37
N ARG A 200 -21.91 2.35 -2.44
CA ARG A 200 -22.01 3.04 -3.73
C ARG A 200 -21.47 4.43 -3.60
N ALA A 201 -21.02 4.98 -4.72
CA ALA A 201 -20.27 6.23 -4.68
C ALA A 201 -21.16 7.39 -4.28
N ASP A 202 -22.48 7.27 -4.49
CA ASP A 202 -23.41 8.36 -4.18
C ASP A 202 -24.03 8.23 -2.79
N GLN A 203 -23.51 7.31 -1.98
CA GLN A 203 -24.13 7.05 -0.69
C GLN A 203 -23.70 8.01 0.42
N ARG A 204 -24.68 8.57 1.13
CA ARG A 204 -24.40 9.38 2.33
C ARG A 204 -24.54 8.54 3.57
N VAL A 205 -23.59 8.67 4.51
CA VAL A 205 -23.68 7.93 5.75
C VAL A 205 -23.76 8.84 6.98
N GLY A 206 -23.59 10.14 6.78
CA GLY A 206 -23.56 11.06 7.90
C GLY A 206 -24.53 12.22 7.81
N GLY A 207 -24.01 13.40 8.16
CA GLY A 207 -24.80 14.61 8.15
C GLY A 207 -23.99 15.75 7.59
N PRO A 208 -24.57 16.95 7.62
CA PRO A 208 -24.03 18.09 6.88
C PRO A 208 -23.02 18.96 7.67
N VAL A 209 -22.83 18.67 8.95
CA VAL A 209 -22.00 19.54 9.79
C VAL A 209 -20.90 18.81 10.53
N LEU A 210 -19.82 19.53 10.71
CA LEU A 210 -18.80 19.19 11.68
C LEU A 210 -19.35 19.43 13.05
N ARG A 211 -19.02 18.55 13.98
CA ARG A 211 -19.45 18.71 15.37
C ARG A 211 -18.31 19.07 16.30
N VAL A 212 -18.56 20.02 17.20
CA VAL A 212 -17.57 20.47 18.16
C VAL A 212 -18.27 20.99 19.39
N ASN A 213 -17.68 20.71 20.54
CA ASN A 213 -18.20 21.24 21.78
C ASN A 213 -18.00 22.75 21.76
N PRO A 214 -19.09 23.51 21.95
CA PRO A 214 -18.89 24.94 21.81
C PRO A 214 -17.96 25.51 22.87
N ASP A 215 -17.78 24.80 23.99
CA ASP A 215 -16.89 25.31 25.02
C ASP A 215 -15.41 25.35 24.56
N LYS A 216 -15.05 24.62 23.50
CA LYS A 216 -13.67 24.67 23.00
C LYS A 216 -13.43 25.80 22.04
N ILE A 217 -14.50 26.40 21.53
CA ILE A 217 -14.35 27.47 20.56
C ILE A 217 -13.90 28.71 21.29
N ALA A 218 -12.66 29.13 20.99
CA ALA A 218 -12.05 30.29 21.66
C ALA A 218 -12.18 31.59 20.85
N ALA A 219 -12.43 31.47 19.57
CA ALA A 219 -12.58 32.62 18.72
C ALA A 219 -13.30 32.25 17.43
N ILE A 220 -14.09 33.20 16.95
CA ILE A 220 -14.64 33.09 15.61
C ILE A 220 -14.29 34.39 14.87
N VAL A 221 -13.82 34.26 13.64
CA VAL A 221 -13.38 35.40 12.86
C VAL A 221 -14.21 35.51 11.61
N ARG A 222 -14.74 36.68 11.34
CA ARG A 222 -15.50 36.88 10.15
C ARG A 222 -14.57 37.25 9.02
N THR A 223 -14.63 36.50 7.95
CA THR A 223 -13.70 36.71 6.85
C THR A 223 -14.44 36.83 5.52
N ASN A 224 -13.68 37.17 4.49
CA ASN A 224 -14.18 37.34 3.14
C ASN A 224 -13.00 37.32 2.16
N ASP A 225 -12.59 36.14 1.75
CA ASP A 225 -11.39 36.03 0.95
C ASP A 225 -11.49 34.77 0.14
N ARG A 226 -10.82 34.77 -0.99
CA ARG A 226 -10.95 33.71 -1.98
C ARG A 226 -9.99 32.54 -1.74
N ASP A 227 -10.44 31.35 -2.13
CA ASP A 227 -9.59 30.18 -2.27
C ASP A 227 -8.56 30.38 -3.36
N ARG A 228 -7.62 29.44 -3.44
CA ARG A 228 -6.59 29.41 -4.47
C ARG A 228 -7.15 28.68 -5.68
N ASN A 229 -7.75 29.41 -6.61
CA ASN A 229 -8.32 28.77 -7.79
C ASN A 229 -7.29 28.77 -8.91
N ALA A 230 -6.58 27.65 -9.04
CA ALA A 230 -5.46 27.57 -9.98
C ALA A 230 -5.93 27.76 -11.42
N PRO A 231 -5.19 28.57 -12.22
CA PRO A 231 -5.50 28.73 -13.66
C PRO A 231 -5.79 27.37 -14.34
N PHE A 232 -6.74 27.33 -15.27
CA PHE A 232 -7.02 26.09 -15.99
C PHE A 232 -5.83 25.71 -16.87
N ALA A 233 -5.33 24.50 -16.66
CA ALA A 233 -4.18 23.99 -17.43
C ALA A 233 -4.71 23.31 -18.69
N ALA A 234 -4.76 24.10 -19.75
CA ALA A 234 -5.25 23.64 -21.03
C ALA A 234 -4.36 22.49 -21.55
N PRO A 235 -4.98 21.35 -21.93
CA PRO A 235 -4.21 20.23 -22.49
C PRO A 235 -3.32 20.64 -23.68
N ASP A 236 -2.07 20.22 -23.62
CA ASP A 236 -1.20 20.34 -24.78
C ASP A 236 -1.23 19.02 -25.51
N GLU A 237 -0.54 18.95 -26.64
CA GLU A 237 -0.60 17.76 -27.48
C GLU A 237 -0.08 16.54 -26.75
N THR A 238 0.90 16.72 -25.88
CA THR A 238 1.40 15.60 -25.06
C THR A 238 0.29 15.05 -24.15
N ALA A 239 -0.40 15.95 -23.45
CA ALA A 239 -1.52 15.53 -22.59
C ALA A 239 -2.63 14.85 -23.41
N LYS A 240 -2.93 15.38 -24.61
CA LYS A 240 -4.00 14.84 -25.44
C LYS A 240 -3.64 13.45 -25.96
N ALA A 241 -2.35 13.26 -26.27
CA ALA A 241 -1.86 11.96 -26.74
C ALA A 241 -2.01 10.93 -25.62
N ILE A 242 -1.61 11.30 -24.42
CA ILE A 242 -1.73 10.43 -23.26
C ILE A 242 -3.19 10.01 -23.04
N ALA A 243 -4.07 11.01 -23.05
CA ALA A 243 -5.49 10.76 -22.87
C ALA A 243 -6.04 9.83 -23.98
N GLY A 244 -5.63 10.08 -25.23
CA GLY A 244 -5.98 9.24 -26.33
C GLY A 244 -5.63 7.79 -26.06
N TYR A 245 -4.40 7.51 -25.66
CA TYR A 245 -4.04 6.12 -25.40
C TYR A 245 -4.86 5.53 -24.26
N LEU A 246 -5.18 6.33 -23.25
CA LEU A 246 -5.89 5.82 -22.09
C LEU A 246 -7.34 5.50 -22.51
N LEU A 247 -7.95 6.40 -23.23
CA LEU A 247 -9.33 6.21 -23.67
C LEU A 247 -9.44 5.02 -24.67
N ASP A 248 -8.42 4.84 -25.50
CA ASP A 248 -8.36 3.65 -26.40
C ASP A 248 -8.33 2.36 -25.56
N PHE A 249 -7.52 2.37 -24.52
CA PHE A 249 -7.43 1.27 -23.58
C PHE A 249 -8.77 0.99 -22.87
N PHE A 250 -9.44 2.03 -22.36
CA PHE A 250 -10.73 1.82 -21.71
C PHE A 250 -11.70 1.18 -22.71
N GLY A 251 -11.73 1.71 -23.92
CA GLY A 251 -12.67 1.25 -24.93
C GLY A 251 -12.42 -0.22 -25.23
N HIS A 252 -11.14 -0.60 -25.27
CA HIS A 252 -10.75 -1.99 -25.47
C HIS A 252 -11.19 -2.92 -24.33
N GLU A 253 -10.94 -2.50 -23.09
CA GLU A 253 -11.40 -3.27 -21.95
C GLU A 253 -12.93 -3.44 -21.96
N VAL A 254 -13.66 -2.46 -22.43
CA VAL A 254 -15.11 -2.59 -22.46
C VAL A 254 -15.49 -3.62 -23.50
N LYS A 255 -14.88 -3.52 -24.68
CA LYS A 255 -15.21 -4.40 -25.79
C LYS A 255 -14.80 -5.85 -25.50
N GLN A 256 -13.87 -6.04 -24.55
CA GLN A 256 -13.48 -7.36 -24.10
C GLN A 256 -14.19 -7.77 -22.81
N ASN A 257 -15.18 -6.97 -22.39
CA ASN A 257 -15.96 -7.25 -21.17
C ASN A 257 -15.16 -7.29 -19.90
N ARG A 258 -14.00 -6.63 -19.88
CA ARG A 258 -13.29 -6.57 -18.63
C ARG A 258 -13.64 -5.27 -17.89
N LEU A 259 -14.45 -4.42 -18.51
CA LEU A 259 -15.06 -3.26 -17.81
C LEU A 259 -16.46 -3.09 -18.31
N PRO A 260 -17.39 -2.67 -17.44
CA PRO A 260 -18.68 -2.27 -18.00
C PRO A 260 -18.57 -1.03 -18.88
N PRO A 261 -19.60 -0.77 -19.69
CA PRO A 261 -19.67 0.42 -20.52
C PRO A 261 -19.66 1.70 -19.69
N SER A 262 -20.03 1.55 -18.42
CA SER A 262 -20.00 2.69 -17.49
C SER A 262 -18.70 2.72 -16.70
N LEU A 263 -17.73 1.91 -17.14
CA LEU A 263 -16.41 1.80 -16.50
C LEU A 263 -16.59 1.50 -15.00
N LEU A 264 -15.68 1.98 -14.14
CA LEU A 264 -15.86 1.85 -12.68
C LEU A 264 -15.65 3.20 -12.02
N PRO A 265 -15.91 3.31 -10.70
CA PRO A 265 -15.71 4.64 -10.12
C PRO A 265 -14.31 5.19 -10.41
N LEU A 266 -14.22 6.41 -10.91
CA LEU A 266 -12.97 6.99 -11.36
C LEU A 266 -12.34 7.94 -10.36
N GLN A 267 -11.02 7.75 -10.16
CA GLN A 267 -10.21 8.67 -9.37
C GLN A 267 -9.18 9.27 -10.32
N SER A 268 -9.15 10.57 -10.39
CA SER A 268 -8.14 11.26 -11.15
C SER A 268 -7.52 12.39 -10.38
N GLY A 269 -6.35 12.80 -10.84
CA GLY A 269 -5.67 13.93 -10.25
C GLY A 269 -6.12 15.27 -10.85
N VAL A 270 -5.20 16.22 -10.84
CA VAL A 270 -5.42 17.51 -11.45
C VAL A 270 -4.28 17.84 -12.41
N GLY A 271 -4.47 18.89 -13.20
CA GLY A 271 -3.45 19.34 -14.13
C GLY A 271 -3.73 18.93 -15.55
N ASN A 272 -2.79 19.29 -16.39
CA ASN A 272 -2.77 19.07 -17.83
C ASN A 272 -3.38 17.75 -18.28
N VAL A 273 -2.88 16.67 -17.69
CA VAL A 273 -3.20 15.34 -18.20
C VAL A 273 -4.56 14.93 -17.71
N ALA A 274 -4.83 15.18 -16.44
CA ALA A 274 -6.14 14.82 -15.91
C ALA A 274 -7.20 15.57 -16.74
N ASN A 275 -6.96 16.83 -17.03
CA ASN A 275 -7.90 17.63 -17.81
C ASN A 275 -8.15 17.01 -19.20
N ALA A 276 -7.08 16.53 -19.86
CA ALA A 276 -7.21 15.85 -21.14
C ALA A 276 -8.02 14.57 -21.00
N VAL A 277 -7.77 13.77 -19.97
CA VAL A 277 -8.54 12.54 -19.74
C VAL A 277 -10.02 12.85 -19.47
N LEU A 278 -10.31 13.80 -18.59
CA LEU A 278 -11.71 14.16 -18.33
C LEU A 278 -12.42 14.67 -19.60
N GLU A 279 -11.72 15.45 -20.43
CA GLU A 279 -12.28 15.91 -21.70
C GLU A 279 -12.54 14.74 -22.65
N GLY A 280 -11.70 13.72 -22.62
CA GLY A 280 -11.86 12.58 -23.51
C GLY A 280 -13.02 11.70 -23.05
N LEU A 281 -13.13 11.52 -21.75
CA LEU A 281 -14.25 10.77 -21.17
C LEU A 281 -15.59 11.43 -21.53
N LYS A 282 -15.61 12.76 -21.57
CA LYS A 282 -16.83 13.49 -21.88
C LYS A 282 -17.33 13.19 -23.31
N GLU A 283 -16.40 12.84 -24.19
CA GLU A 283 -16.71 12.68 -25.61
C GLU A 283 -16.74 11.22 -26.07
N GLY A 284 -16.35 10.32 -25.18
CA GLY A 284 -16.13 8.92 -25.53
C GLY A 284 -17.39 8.09 -25.52
N PRO A 285 -17.25 6.79 -25.81
CA PRO A 285 -18.37 5.85 -25.90
C PRO A 285 -18.79 5.26 -24.55
N PHE A 286 -18.81 6.08 -23.51
CA PHE A 286 -19.13 5.58 -22.17
C PHE A 286 -20.40 6.29 -21.72
N GLU A 287 -20.89 5.96 -20.55
CA GLU A 287 -22.19 6.45 -20.13
C GLU A 287 -22.25 6.17 -18.68
N ASN A 288 -23.05 6.96 -17.97
CA ASN A 288 -23.32 6.71 -16.57
C ASN A 288 -22.07 6.58 -15.74
N LEU A 289 -21.14 7.50 -15.92
CA LEU A 289 -19.89 7.45 -15.17
C LEU A 289 -20.07 7.98 -13.75
N VAL A 290 -19.13 7.57 -12.91
CA VAL A 290 -19.15 7.89 -11.51
C VAL A 290 -17.71 8.26 -11.09
N GLY A 291 -17.61 9.28 -10.27
CA GLY A 291 -16.33 9.66 -9.66
C GLY A 291 -16.29 9.30 -8.20
N TYR A 292 -15.19 8.67 -7.80
CA TYR A 292 -14.90 8.47 -6.40
C TYR A 292 -13.41 8.76 -6.29
N SER A 293 -13.12 10.00 -5.92
CA SER A 293 -11.81 10.60 -6.00
CA SER A 293 -11.76 10.52 -5.95
C SER A 293 -11.51 11.38 -4.72
N GLU A 294 -10.37 12.03 -4.67
CA GLU A 294 -10.17 13.13 -3.65
CA GLU A 294 -10.10 13.13 -3.71
C GLU A 294 -10.71 14.59 -3.97
N VAL A 295 -10.73 14.83 -5.29
CA VAL A 295 -11.04 16.19 -5.69
C VAL A 295 -12.08 16.25 -6.79
N ILE A 296 -12.88 17.32 -6.85
CA ILE A 296 -13.74 17.63 -7.99
C ILE A 296 -13.05 18.68 -8.87
N GLN A 297 -12.82 18.40 -10.15
CA GLN A 297 -12.16 19.37 -11.02
C GLN A 297 -13.06 19.80 -12.19
N ASP A 298 -12.57 20.78 -12.95
CA ASP A 298 -13.37 21.43 -14.00
C ASP A 298 -14.10 20.41 -14.86
N GLY A 299 -13.32 19.42 -15.30
CA GLY A 299 -13.81 18.41 -16.22
C GLY A 299 -14.94 17.55 -15.64
N MET A 300 -14.87 17.28 -14.34
CA MET A 300 -15.95 16.56 -13.68
C MET A 300 -17.25 17.38 -13.73
N LEU A 301 -17.19 18.68 -13.42
CA LEU A 301 -18.40 19.51 -13.47
C LEU A 301 -19.06 19.43 -14.82
N ALA A 302 -18.22 19.43 -15.85
CA ALA A 302 -18.71 19.42 -17.23
C ALA A 302 -19.49 18.13 -17.51
N MET A 303 -19.00 17.03 -16.96
CA MET A 303 -19.66 15.74 -17.18
C MET A 303 -20.92 15.62 -16.35
N LEU A 304 -20.92 16.26 -15.17
CA LEU A 304 -22.11 16.27 -14.31
C LEU A 304 -23.19 17.11 -14.98
N ASP A 305 -22.75 18.15 -15.67
CA ASP A 305 -23.67 19.04 -16.38
C ASP A 305 -24.29 18.28 -17.57
N SER A 306 -23.46 17.63 -18.38
CA SER A 306 -23.96 16.92 -19.55
C SER A 306 -24.74 15.62 -19.20
N GLY A 307 -24.52 15.10 -18.00
CA GLY A 307 -25.14 13.85 -17.60
C GLY A 307 -24.29 12.63 -17.88
N ARG A 308 -23.08 12.85 -18.37
CA ARG A 308 -22.16 11.77 -18.69
C ARG A 308 -21.69 11.13 -17.39
N MET A 309 -21.39 11.97 -16.39
N MET A 309 -21.50 11.98 -16.38
CA MET A 309 -21.15 11.55 -15.01
CA MET A 309 -21.19 11.56 -15.03
C MET A 309 -22.44 11.72 -14.19
C MET A 309 -22.43 11.75 -14.15
N ARG A 310 -22.77 10.75 -13.36
CA ARG A 310 -24.04 10.80 -12.59
C ARG A 310 -23.81 11.33 -11.18
N ILE A 311 -22.60 11.17 -10.66
CA ILE A 311 -22.30 11.59 -9.28
C ILE A 311 -20.80 11.69 -9.15
N ALA A 312 -20.32 12.64 -8.33
CA ALA A 312 -18.89 12.71 -8.03
C ALA A 312 -18.68 12.86 -6.54
N SER A 313 -17.94 11.91 -5.98
CA SER A 313 -17.52 11.95 -4.59
C SER A 313 -16.06 12.42 -4.49
N ALA A 314 -15.82 13.28 -3.50
CA ALA A 314 -14.52 13.86 -3.27
C ALA A 314 -14.41 14.37 -1.84
N SER A 315 -13.20 14.78 -1.43
CA SER A 315 -13.07 15.51 -0.18
C SER A 315 -13.04 17.01 -0.45
N SER A 316 -12.73 17.42 -1.69
CA SER A 316 -12.49 18.82 -2.01
CA SER A 316 -12.56 18.82 -2.01
C SER A 316 -12.86 19.19 -3.46
N PHE A 317 -13.02 20.47 -3.68
CA PHE A 317 -13.05 21.08 -4.99
C PHE A 317 -11.62 21.52 -5.40
N SER A 318 -11.33 21.41 -6.69
CA SER A 318 -10.15 22.07 -7.25
C SER A 318 -10.49 22.64 -8.61
N LEU A 319 -10.99 23.86 -8.60
CA LEU A 319 -11.58 24.47 -9.77
C LEU A 319 -10.82 25.69 -10.26
N SER A 320 -10.84 25.89 -11.57
CA SER A 320 -10.39 27.15 -12.15
C SER A 320 -11.39 28.25 -11.80
N PRO A 321 -10.99 29.52 -11.97
CA PRO A 321 -11.91 30.62 -11.68
C PRO A 321 -13.20 30.50 -12.50
N GLU A 322 -13.06 30.09 -13.76
CA GLU A 322 -14.22 30.00 -14.62
C GLU A 322 -15.16 28.95 -14.08
N ALA A 323 -14.59 27.83 -13.67
CA ALA A 323 -15.43 26.72 -13.21
C ALA A 323 -16.04 27.07 -11.86
N ALA A 324 -15.27 27.74 -11.03
CA ALA A 324 -15.76 28.20 -9.73
C ALA A 324 -16.97 29.11 -9.90
N GLU A 325 -16.88 30.01 -10.87
CA GLU A 325 -17.97 30.91 -11.15
C GLU A 325 -19.23 30.16 -11.60
N GLU A 326 -19.04 29.20 -12.49
CA GLU A 326 -20.10 28.36 -12.98
C GLU A 326 -20.84 27.59 -11.86
N ILE A 327 -20.10 26.90 -10.99
CA ILE A 327 -20.73 26.14 -9.90
C ILE A 327 -21.39 27.08 -8.86
N ASN A 328 -20.78 28.23 -8.62
CA ASN A 328 -21.33 29.25 -7.72
C ASN A 328 -22.69 29.77 -8.22
N ASN A 329 -22.83 29.96 -9.52
CA ASN A 329 -24.09 30.42 -10.06
C ASN A 329 -25.14 29.33 -10.19
N ARG A 330 -24.71 28.07 -10.01
CA ARG A 330 -25.59 26.91 -10.16
C ARG A 330 -25.45 25.89 -9.01
N MET A 331 -25.23 26.39 -7.80
CA MET A 331 -24.87 25.52 -6.69
C MET A 331 -26.04 24.61 -6.37
N ASP A 332 -27.25 25.03 -6.70
CA ASP A 332 -28.43 24.23 -6.46
C ASP A 332 -28.42 22.92 -7.26
N PHE A 333 -28.11 23.04 -8.55
CA PHE A 333 -27.95 21.88 -9.41
C PHE A 333 -26.73 21.00 -9.02
N PHE A 334 -25.55 21.59 -8.86
CA PHE A 334 -24.36 20.78 -8.62
C PHE A 334 -24.33 20.16 -7.21
N ARG A 335 -24.98 20.80 -6.26
CA ARG A 335 -25.03 20.28 -4.90
C ARG A 335 -25.71 18.91 -4.87
N SER A 336 -26.62 18.69 -5.81
CA SER A 336 -27.33 17.43 -5.89
C SER A 336 -26.48 16.32 -6.56
N LYS A 337 -25.34 16.70 -7.12
CA LYS A 337 -24.49 15.78 -7.90
C LYS A 337 -23.18 15.42 -7.23
N ILE A 338 -22.91 16.10 -6.12
CA ILE A 338 -21.59 16.06 -5.50
C ILE A 338 -21.72 15.71 -4.03
N ILE A 339 -20.86 14.82 -3.57
CA ILE A 339 -20.73 14.57 -2.13
C ILE A 339 -19.30 14.86 -1.70
N LEU A 340 -19.12 15.77 -0.75
CA LEU A 340 -17.81 16.00 -0.13
C LEU A 340 -17.72 15.26 1.22
N ARG A 341 -16.72 14.40 1.31
CA ARG A 341 -16.49 13.48 2.43
C ARG A 341 -15.24 13.83 3.21
N GLN A 342 -15.16 13.37 4.46
CA GLN A 342 -13.91 13.40 5.21
C GLN A 342 -12.84 12.64 4.39
N GLN A 343 -11.59 13.10 4.44
CA GLN A 343 -10.60 12.49 3.57
C GLN A 343 -10.26 11.09 4.09
N ASP A 344 -10.58 10.77 5.34
CA ASP A 344 -10.30 9.42 5.77
C ASP A 344 -11.41 8.46 5.28
N VAL A 345 -12.43 8.99 4.61
CA VAL A 345 -13.44 8.19 3.96
C VAL A 345 -13.27 8.22 2.45
N SER A 346 -13.05 9.39 1.86
CA SER A 346 -12.75 9.44 0.43
C SER A 346 -11.52 8.59 0.07
N ASN A 347 -10.54 8.53 0.99
CA ASN A 347 -9.28 7.81 0.78
C ASN A 347 -9.18 6.51 1.60
N SER A 348 -10.31 5.96 1.98
CA SER A 348 -10.36 4.70 2.69
C SER A 348 -10.06 3.49 1.80
N PRO A 349 -9.00 2.73 2.12
CA PRO A 349 -8.70 1.60 1.22
C PRO A 349 -9.80 0.56 1.17
N GLY A 350 -10.52 0.32 2.27
CA GLY A 350 -11.62 -0.63 2.34
C GLY A 350 -12.68 -0.28 1.28
N ILE A 351 -12.95 1.01 1.17
CA ILE A 351 -14.01 1.49 0.30
C ILE A 351 -13.56 1.54 -1.14
N ILE A 352 -12.36 2.09 -1.36
CA ILE A 352 -11.78 2.16 -2.69
C ILE A 352 -11.78 0.75 -3.34
N ARG A 353 -11.39 -0.26 -2.55
CA ARG A 353 -11.34 -1.62 -3.06
C ARG A 353 -12.71 -2.22 -3.33
N ARG A 354 -13.65 -2.01 -2.40
CA ARG A 354 -15.00 -2.53 -2.52
C ARG A 354 -15.67 -1.97 -3.75
N LEU A 355 -15.51 -0.66 -3.96
CA LEU A 355 -16.09 0.01 -5.12
C LEU A 355 -15.38 -0.28 -6.44
N GLY A 356 -14.14 -0.77 -6.38
CA GLY A 356 -13.40 -1.12 -7.58
C GLY A 356 -12.92 0.07 -8.39
N CYS A 357 -12.48 1.10 -7.69
CA CYS A 357 -12.09 2.31 -8.38
C CYS A 357 -10.97 2.07 -9.38
N ILE A 358 -10.97 2.91 -10.41
CA ILE A 358 -9.89 2.99 -11.37
C ILE A 358 -9.06 4.19 -10.94
N ALA A 359 -7.80 3.94 -10.58
CA ALA A 359 -6.87 4.99 -10.14
C ALA A 359 -6.02 5.51 -11.29
N MET A 360 -5.98 6.84 -11.47
CA MET A 360 -5.21 7.42 -12.53
C MET A 360 -4.36 8.52 -11.87
N ASN A 361 -3.05 8.31 -11.82
CA ASN A 361 -2.19 9.25 -11.12
C ASN A 361 -0.93 9.65 -11.93
N GLY A 362 -0.38 10.82 -11.62
CA GLY A 362 0.82 11.32 -12.27
C GLY A 362 2.03 10.70 -11.57
N MET A 363 3.23 10.99 -12.09
CA MET A 363 4.46 10.50 -11.47
C MET A 363 5.58 11.41 -11.90
N ILE A 364 6.61 11.49 -11.09
CA ILE A 364 7.87 12.08 -11.49
C ILE A 364 8.53 11.14 -12.49
N GLU A 365 8.73 9.89 -12.09
CA GLU A 365 9.44 8.93 -12.93
C GLU A 365 9.06 7.51 -12.57
N ALA A 366 9.33 6.62 -13.51
CA ALA A 366 9.28 5.19 -13.21
C ALA A 366 10.57 4.56 -13.71
N ASP A 367 11.04 3.51 -13.09
CA ASP A 367 12.17 2.79 -13.64
C ASP A 367 11.66 1.73 -14.62
N ILE A 368 12.60 1.03 -15.27
CA ILE A 368 12.21 0.11 -16.34
C ILE A 368 11.36 -1.03 -15.79
N TYR A 369 11.43 -1.28 -14.48
CA TYR A 369 10.61 -2.34 -13.90
C TYR A 369 9.27 -1.84 -13.41
N GLY A 370 9.02 -0.56 -13.57
CA GLY A 370 7.71 -0.01 -13.24
C GLY A 370 7.47 0.22 -11.75
N ASN A 371 8.55 0.47 -11.00
CA ASN A 371 8.50 1.14 -9.71
C ASN A 371 8.34 2.63 -9.94
N VAL A 372 7.50 3.30 -9.13
CA VAL A 372 7.16 4.70 -9.37
C VAL A 372 7.58 5.65 -8.25
N ASN A 373 8.12 6.79 -8.69
CA ASN A 373 8.50 7.93 -7.86
C ASN A 373 7.48 9.04 -8.11
N SER A 374 6.76 9.46 -7.06
CA SER A 374 5.79 10.53 -7.14
C SER A 374 6.22 11.79 -6.44
N THR A 375 7.42 11.80 -5.84
CA THR A 375 7.71 12.86 -4.85
C THR A 375 9.07 13.51 -4.84
N ARG A 376 10.14 12.73 -5.07
CA ARG A 376 11.47 13.23 -4.69
C ARG A 376 12.44 13.25 -5.86
N VAL A 377 12.61 14.43 -6.42
CA VAL A 377 13.43 14.60 -7.60
C VAL A 377 14.91 14.36 -7.23
N MET A 378 15.59 13.56 -8.05
CA MET A 378 16.92 13.04 -7.76
C MET A 378 16.95 12.22 -6.45
N GLY A 379 15.78 11.83 -5.96
CA GLY A 379 15.66 11.06 -4.74
C GLY A 379 15.70 11.89 -3.46
N SER A 380 15.95 13.21 -3.54
CA SER A 380 16.20 14.03 -2.34
C SER A 380 15.46 15.37 -2.25
N LYS A 381 14.90 15.82 -3.36
CA LYS A 381 14.23 17.12 -3.42
C LYS A 381 12.72 16.94 -3.54
N MET A 382 12.01 17.33 -2.52
CA MET A 382 10.55 17.14 -2.47
C MET A 382 9.83 18.03 -3.51
N MET A 383 8.89 17.42 -4.22
CA MET A 383 7.98 18.17 -5.05
C MET A 383 6.75 18.52 -4.19
N ASN A 384 5.71 17.69 -4.22
CA ASN A 384 4.55 17.94 -3.37
C ASN A 384 4.37 16.97 -2.22
N GLY A 385 4.26 15.68 -2.51
CA GLY A 385 4.06 14.67 -1.50
C GLY A 385 3.32 13.50 -2.09
N ILE A 386 3.24 12.37 -1.39
CA ILE A 386 2.67 11.18 -1.99
C ILE A 386 1.16 11.39 -2.13
N GLY A 387 0.59 12.19 -1.22
CA GLY A 387 -0.82 12.49 -1.28
C GLY A 387 -1.67 11.24 -1.07
N GLY A 388 -2.69 11.05 -1.90
CA GLY A 388 -3.54 9.86 -1.81
C GLY A 388 -3.22 8.87 -2.91
N SER A 389 -2.13 9.09 -3.64
CA SER A 389 -1.79 8.22 -4.77
C SER A 389 -1.56 6.79 -4.27
N GLY A 390 -1.07 6.66 -3.04
CA GLY A 390 -0.82 5.36 -2.46
C GLY A 390 -2.10 4.70 -1.99
N ASP A 391 -2.93 5.47 -1.27
CA ASP A 391 -4.28 5.05 -0.92
C ASP A 391 -4.96 4.42 -2.11
N PHE A 392 -4.97 5.15 -3.23
CA PHE A 392 -5.72 4.67 -4.41
C PHE A 392 -4.94 3.65 -5.25
N ALA A 393 -3.65 3.85 -5.46
CA ALA A 393 -2.93 2.91 -6.33
C ALA A 393 -3.03 1.50 -5.78
N ARG A 394 -2.74 1.32 -4.50
CA ARG A 394 -2.76 -0.01 -3.94
C ARG A 394 -4.15 -0.65 -3.86
N SER A 395 -5.18 0.15 -3.60
CA SER A 395 -6.53 -0.35 -3.30
C SER A 395 -7.39 -0.57 -4.55
N SER A 396 -6.98 0.02 -5.66
CA SER A 396 -7.79 0.10 -6.88
C SER A 396 -7.96 -1.22 -7.58
N TYR A 397 -8.98 -1.27 -8.43
CA TYR A 397 -9.19 -2.34 -9.37
C TYR A 397 -8.13 -2.32 -10.45
N LEU A 398 -7.76 -1.09 -10.86
CA LEU A 398 -6.75 -0.84 -11.87
C LEU A 398 -5.96 0.41 -11.49
N SER A 399 -4.64 0.30 -11.47
CA SER A 399 -3.75 1.39 -11.08
C SER A 399 -2.97 1.87 -12.29
N ILE A 400 -3.25 3.09 -12.71
CA ILE A 400 -2.73 3.66 -13.95
C ILE A 400 -1.90 4.89 -13.60
N PHE A 401 -0.67 4.91 -14.12
CA PHE A 401 0.22 6.03 -13.95
C PHE A 401 0.47 6.69 -15.30
N LEU A 402 0.42 8.02 -15.31
CA LEU A 402 0.39 8.78 -16.55
C LEU A 402 1.38 9.94 -16.47
N SER A 403 2.20 10.07 -17.51
CA SER A 403 3.27 11.07 -17.50
C SER A 403 3.79 11.35 -18.88
N PRO A 404 4.23 12.59 -19.13
CA PRO A 404 5.11 12.80 -20.29
C PRO A 404 6.33 11.85 -20.17
N SER A 405 6.86 11.35 -21.29
CA SER A 405 7.97 10.41 -21.24
C SER A 405 9.29 11.11 -20.87
N THR A 406 9.32 12.44 -21.07
CA THR A 406 10.42 13.29 -20.67
C THR A 406 9.99 14.49 -19.80
N ALA A 407 10.94 15.07 -19.08
CA ALA A 407 10.70 16.31 -18.34
C ALA A 407 11.82 17.29 -18.64
N LYS A 408 11.62 18.56 -18.25
CA LYS A 408 12.62 19.61 -18.44
C LYS A 408 13.10 19.72 -19.89
N GLY A 409 12.14 19.75 -20.79
CA GLY A 409 12.41 20.08 -22.17
C GLY A 409 13.27 19.02 -22.79
N GLY A 410 13.03 17.75 -22.44
CA GLY A 410 13.79 16.63 -22.98
C GLY A 410 15.06 16.25 -22.23
N LYS A 411 15.48 17.06 -21.25
CA LYS A 411 16.77 16.84 -20.57
C LYS A 411 16.70 15.80 -19.47
N ILE A 412 15.48 15.39 -19.13
CA ILE A 412 15.26 14.30 -18.20
C ILE A 412 14.35 13.28 -18.86
N SER A 413 14.68 12.01 -18.70
CA SER A 413 13.78 10.93 -19.09
C SER A 413 12.91 10.54 -17.90
N ALA A 414 11.60 10.38 -18.10
CA ALA A 414 10.72 9.96 -17.01
C ALA A 414 10.72 8.45 -16.84
N ILE A 415 11.37 7.75 -17.77
CA ILE A 415 11.69 6.33 -17.62
C ILE A 415 13.22 6.18 -17.43
N VAL A 416 13.58 5.59 -16.29
CA VAL A 416 14.98 5.52 -15.87
C VAL A 416 15.40 4.09 -15.52
N PRO A 417 16.71 3.86 -15.39
CA PRO A 417 17.20 2.52 -15.02
C PRO A 417 16.70 2.08 -13.67
N MET A 418 16.77 3.01 -12.72
CA MET A 418 16.32 2.82 -11.36
C MET A 418 15.73 4.14 -10.89
N ALA A 419 14.56 4.12 -10.28
CA ALA A 419 13.99 5.35 -9.72
C ALA A 419 14.85 5.81 -8.56
N ALA A 420 15.04 7.10 -8.43
CA ALA A 420 15.90 7.59 -7.36
C ALA A 420 15.20 7.55 -5.99
N HIS A 421 13.87 7.44 -6.02
CA HIS A 421 13.10 7.22 -4.83
C HIS A 421 11.85 6.44 -5.24
N VAL A 422 11.31 5.62 -4.35
CA VAL A 422 10.11 4.84 -4.68
C VAL A 422 8.96 5.20 -3.78
N ASP A 423 7.83 5.50 -4.41
CA ASP A 423 6.57 5.68 -3.71
C ASP A 423 5.61 4.52 -3.95
N HIS A 424 5.61 3.98 -5.17
CA HIS A 424 4.71 2.88 -5.54
C HIS A 424 5.47 1.75 -6.13
N ILE A 425 5.48 0.65 -5.41
CA ILE A 425 6.21 -0.53 -5.84
C ILE A 425 5.55 -1.14 -7.09
N MET A 426 6.29 -1.98 -7.81
CA MET A 426 5.76 -2.69 -9.01
C MET A 426 4.34 -3.23 -8.84
N GLN A 427 4.10 -3.82 -7.68
CA GLN A 427 2.83 -4.47 -7.38
C GLN A 427 1.65 -3.51 -7.34
N ASP A 428 1.95 -2.22 -7.24
CA ASP A 428 0.94 -1.17 -7.13
C ASP A 428 0.76 -0.35 -8.42
N ALA A 429 1.35 -0.82 -9.52
CA ALA A 429 1.24 -0.14 -10.80
C ALA A 429 1.07 -1.13 -11.94
N GLN A 430 -0.10 -1.15 -12.57
CA GLN A 430 -0.35 -2.11 -13.66
C GLN A 430 -0.27 -1.52 -15.06
N ILE A 431 -0.57 -0.23 -15.18
CA ILE A 431 -0.66 0.41 -16.48
C ILE A 431 0.11 1.72 -16.52
N PHE A 432 0.92 1.93 -17.55
CA PHE A 432 1.70 3.17 -17.72
C PHE A 432 1.37 3.75 -19.06
N VAL A 433 1.14 5.04 -19.05
CA VAL A 433 0.85 5.77 -20.27
C VAL A 433 1.72 6.99 -20.38
N THR A 434 2.38 7.14 -21.53
CA THR A 434 3.03 8.39 -21.86
C THR A 434 2.54 8.81 -23.24
N GLU A 435 3.05 9.94 -23.76
CA GLU A 435 2.69 10.31 -25.13
C GLU A 435 3.28 9.35 -26.16
N GLN A 436 4.15 8.44 -25.71
CA GLN A 436 4.70 7.45 -26.63
C GLN A 436 3.83 6.18 -26.76
N GLY A 437 2.93 5.94 -25.83
CA GLY A 437 2.12 4.72 -25.87
C GLY A 437 1.76 4.23 -24.49
N LEU A 438 1.19 3.04 -24.44
CA LEU A 438 0.64 2.52 -23.20
C LEU A 438 1.20 1.13 -22.98
N ALA A 439 1.71 0.90 -21.78
CA ALA A 439 2.21 -0.40 -21.33
C ALA A 439 1.22 -1.05 -20.36
N ASP A 440 0.75 -2.22 -20.75
CA ASP A 440 -0.14 -3.05 -19.96
C ASP A 440 0.70 -4.12 -19.30
N LEU A 441 0.88 -4.02 -18.00
CA LEU A 441 1.82 -4.89 -17.30
C LEU A 441 1.16 -6.02 -16.51
N ARG A 442 -0.16 -6.16 -16.63
CA ARG A 442 -0.87 -7.17 -15.85
C ARG A 442 -0.27 -8.56 -16.07
N GLY A 443 0.04 -9.26 -14.98
CA GLY A 443 0.52 -10.62 -15.06
C GLY A 443 1.97 -10.80 -15.50
N LEU A 444 2.74 -9.72 -15.59
CA LEU A 444 4.12 -9.78 -16.08
C LEU A 444 5.14 -9.80 -14.98
N SER A 445 6.22 -10.54 -15.21
CA SER A 445 7.41 -10.45 -14.35
C SER A 445 8.15 -9.15 -14.59
N PRO A 446 9.08 -8.81 -13.68
CA PRO A 446 9.85 -7.57 -13.86
C PRO A 446 10.54 -7.45 -15.22
N VAL A 447 11.23 -8.49 -15.70
CA VAL A 447 11.87 -8.41 -16.99
C VAL A 447 10.81 -8.20 -18.11
N GLN A 448 9.65 -8.83 -17.95
CA GLN A 448 8.60 -8.63 -18.93
C GLN A 448 8.01 -7.21 -18.84
N ARG A 449 7.90 -6.65 -17.63
CA ARG A 449 7.47 -5.25 -17.47
C ARG A 449 8.44 -4.34 -18.21
N ALA A 450 9.74 -4.60 -18.05
CA ALA A 450 10.77 -3.75 -18.64
C ALA A 450 10.67 -3.73 -20.16
N ARG A 451 10.44 -4.89 -20.75
CA ARG A 451 10.28 -4.96 -22.20
C ARG A 451 9.09 -4.12 -22.68
N GLU A 452 7.96 -4.17 -21.96
CA GLU A 452 6.80 -3.35 -22.32
C GLU A 452 7.01 -1.86 -22.07
N ILE A 453 7.52 -1.50 -20.89
CA ILE A 453 7.74 -0.10 -20.58
C ILE A 453 8.75 0.58 -21.53
N ILE A 454 9.86 -0.09 -21.80
CA ILE A 454 10.83 0.49 -22.71
C ILE A 454 10.24 0.62 -24.12
N SER A 455 9.59 -0.42 -24.62
CA SER A 455 9.12 -0.36 -26.00
C SER A 455 7.89 0.57 -26.21
N LYS A 456 7.00 0.68 -25.22
CA LYS A 456 5.75 1.43 -25.39
C LYS A 456 5.79 2.86 -24.86
N CYS A 457 6.46 3.05 -23.72
CA CYS A 457 6.42 4.33 -22.97
C CYS A 457 7.64 5.25 -23.06
N ALA A 458 8.85 4.68 -23.16
CA ALA A 458 10.08 5.48 -23.17
C ALA A 458 10.20 6.34 -24.41
N HIS A 459 10.75 7.53 -24.22
CA HIS A 459 11.00 8.41 -25.34
C HIS A 459 12.10 7.84 -26.27
N PRO A 460 11.91 7.98 -27.60
CA PRO A 460 12.91 7.46 -28.56
C PRO A 460 14.36 7.97 -28.35
N ASP A 461 14.49 9.15 -27.77
CA ASP A 461 15.82 9.70 -27.47
C ASP A 461 16.55 8.92 -26.38
N TYR A 462 15.79 8.29 -25.49
CA TYR A 462 16.33 7.53 -24.37
C TYR A 462 16.19 6.02 -24.47
N ARG A 463 15.39 5.53 -25.41
CA ARG A 463 15.07 4.11 -25.41
C ARG A 463 16.36 3.27 -25.66
N PRO A 464 17.22 3.69 -26.59
CA PRO A 464 18.43 2.88 -26.79
C PRO A 464 19.35 2.83 -25.54
N MET A 465 19.41 3.91 -24.76
CA MET A 465 20.21 3.90 -23.52
C MET A 465 19.57 2.97 -22.49
N LEU A 466 18.25 3.01 -22.42
CA LEU A 466 17.51 2.15 -21.53
C LEU A 466 17.72 0.69 -21.92
N GLN A 467 17.65 0.40 -23.22
CA GLN A 467 17.79 -0.98 -23.72
C GLN A 467 19.21 -1.51 -23.45
N ASP A 468 20.18 -0.63 -23.63
CA ASP A 468 21.57 -0.95 -23.35
C ASP A 468 21.80 -1.23 -21.87
N TYR A 469 21.20 -0.43 -20.99
CA TYR A 469 21.33 -0.67 -19.56
C TYR A 469 20.72 -2.05 -19.25
N PHE A 470 19.54 -2.26 -19.77
CA PHE A 470 18.84 -3.49 -19.53
C PHE A 470 19.59 -4.71 -20.08
N ASP A 471 20.04 -4.62 -21.32
CA ASP A 471 20.78 -5.72 -21.94
C ASP A 471 22.02 -6.07 -21.14
N ARG A 472 22.77 -5.07 -20.70
CA ARG A 472 24.00 -5.35 -19.95
C ARG A 472 23.69 -5.85 -18.53
N ALA A 473 22.63 -5.35 -17.92
CA ALA A 473 22.18 -5.82 -16.60
C ALA A 473 21.83 -7.31 -16.67
N LEU A 474 21.12 -7.68 -17.73
CA LEU A 474 20.74 -9.07 -17.90
C LEU A 474 21.96 -9.97 -17.98
N LYS A 475 23.06 -9.47 -18.53
CA LYS A 475 24.26 -10.27 -18.67
C LYS A 475 25.10 -10.28 -17.39
N ASN A 476 24.97 -9.25 -16.57
CA ASN A 476 25.92 -9.04 -15.47
C ASN A 476 25.35 -8.89 -14.07
N SER A 477 24.04 -8.76 -13.93
CA SER A 477 23.45 -8.47 -12.60
C SER A 477 23.68 -9.60 -11.58
N PHE A 478 23.88 -9.26 -10.32
CA PHE A 478 24.01 -10.25 -9.25
C PHE A 478 22.94 -11.36 -9.34
N GLY A 479 21.67 -10.97 -9.46
CA GLY A 479 20.63 -11.93 -9.87
C GLY A 479 19.97 -11.50 -11.15
N LYS A 480 19.30 -12.41 -11.86
CA LYS A 480 18.57 -12.07 -13.07
C LYS A 480 17.05 -11.90 -12.92
N HIS A 481 16.52 -11.88 -11.71
CA HIS A 481 15.07 -11.67 -11.55
C HIS A 481 14.66 -10.18 -11.73
N THR A 482 15.44 -9.26 -11.17
CA THR A 482 15.28 -7.85 -11.43
CA THR A 482 15.26 -7.83 -11.45
C THR A 482 16.65 -7.25 -11.76
N PRO A 483 17.12 -7.45 -13.02
CA PRO A 483 18.52 -7.12 -13.36
C PRO A 483 18.90 -5.66 -13.17
N HIS A 484 20.02 -5.44 -12.48
CA HIS A 484 20.55 -4.08 -12.27
C HIS A 484 22.08 -4.08 -12.36
N LEU A 485 22.63 -2.92 -12.70
CA LEU A 485 24.06 -2.61 -12.60
C LEU A 485 24.21 -1.49 -11.61
N LEU A 486 24.59 -1.83 -10.40
CA LEU A 486 24.58 -0.88 -9.30
C LEU A 486 25.59 0.22 -9.55
N THR A 487 26.59 -0.07 -10.37
CA THR A 487 27.55 0.94 -10.76
C THR A 487 26.92 2.08 -11.59
N GLU A 488 25.83 1.83 -12.29
CA GLU A 488 25.24 2.90 -13.09
C GLU A 488 23.77 3.08 -12.91
N ALA A 489 23.14 2.34 -12.00
CA ALA A 489 21.69 2.44 -11.80
C ALA A 489 21.22 3.88 -11.62
N LEU A 490 21.96 4.67 -10.82
CA LEU A 490 21.58 6.05 -10.47
C LEU A 490 22.43 7.08 -11.21
N SER A 491 23.15 6.63 -12.25
CA SER A 491 24.12 7.48 -12.94
C SER A 491 23.48 8.51 -13.85
N TRP A 492 22.23 8.27 -14.28
CA TRP A 492 21.59 9.26 -15.13
C TRP A 492 21.19 10.45 -14.28
N HIS A 493 20.83 10.19 -13.04
CA HIS A 493 20.43 11.26 -12.15
C HIS A 493 21.64 12.09 -11.78
N GLN A 494 22.75 11.43 -11.48
CA GLN A 494 23.95 12.14 -11.17
C GLN A 494 24.41 12.91 -12.39
N ARG A 495 24.21 12.34 -13.58
CA ARG A 495 24.56 13.05 -14.79
C ARG A 495 23.75 14.35 -14.88
N PHE A 496 22.47 14.26 -14.56
CA PHE A 496 21.63 15.45 -14.54
C PHE A 496 22.10 16.47 -13.50
N ILE A 497 22.41 16.01 -12.30
CA ILE A 497 22.93 16.91 -11.26
C ILE A 497 24.20 17.62 -11.72
N ASP A 498 25.10 16.91 -12.36
CA ASP A 498 26.37 17.50 -12.75
C ASP A 498 26.29 18.39 -14.00
N THR A 499 25.42 18.02 -14.96
CA THR A 499 25.44 18.67 -16.28
C THR A 499 24.10 19.22 -16.80
N GLY A 500 23.00 19.03 -16.08
CA GLY A 500 21.73 19.54 -16.53
C GLY A 500 21.03 18.68 -17.57
N THR A 501 21.61 17.56 -17.92
CA THR A 501 20.88 16.65 -18.76
C THR A 501 21.24 15.18 -18.51
N MET A 502 20.28 14.31 -18.79
CA MET A 502 20.47 12.87 -18.72
C MET A 502 21.07 12.33 -20.01
N LEU A 503 21.08 13.16 -21.05
CA LEU A 503 21.59 12.72 -22.33
C LEU A 503 23.11 12.72 -22.27
N PRO A 504 23.74 11.65 -22.75
CA PRO A 504 25.21 11.62 -22.62
C PRO A 504 25.88 12.52 -23.63
N SER A 505 27.07 12.98 -23.32
CA SER A 505 27.91 13.66 -24.31
C SER A 505 28.62 12.63 -25.24
N SER A 506 28.75 12.97 -26.52
CA SER A 506 29.43 12.08 -27.47
C SER A 506 30.97 12.20 -27.42
N LEU A 507 31.46 13.06 -26.51
CA LEU A 507 32.90 13.22 -26.29
C LEU A 507 33.46 12.13 -25.35
N GLU A 508 32.57 11.30 -24.79
CA GLU A 508 32.93 10.15 -23.97
C GLU A 508 32.18 8.90 -24.50
N HIS A 509 32.62 7.70 -24.11
CA HIS A 509 31.96 6.48 -24.60
C HIS A 509 30.67 6.19 -23.86
N HIS A 510 29.70 5.64 -24.61
CA HIS A 510 28.42 5.17 -24.08
C HIS A 510 27.96 3.95 -24.89
N HIS A 511 27.72 2.84 -24.19
CA HIS A 511 27.58 1.52 -24.84
C HIS A 511 26.52 1.43 -25.95
N HIS A 512 25.43 2.21 -25.82
CA HIS A 512 24.32 2.19 -26.77
C HIS A 512 24.74 2.83 -28.10
N THR B 2 -11.55 -45.08 7.68
CA THR B 2 -12.79 -44.34 7.42
C THR B 2 -12.71 -43.48 6.15
N GLU B 3 -13.48 -43.92 5.15
CA GLU B 3 -13.48 -43.35 3.79
C GLU B 3 -13.48 -41.82 3.77
N ARG B 4 -12.48 -41.25 3.11
CA ARG B 4 -12.36 -39.80 3.02
C ARG B 4 -13.32 -39.20 1.99
N ILE B 5 -13.63 -39.99 0.96
CA ILE B 5 -14.54 -39.58 -0.09
C ILE B 5 -15.95 -40.08 0.22
N ARG B 6 -16.72 -39.21 0.88
CA ARG B 6 -18.01 -39.61 1.44
C ARG B 6 -19.15 -39.38 0.48
N ASN B 7 -18.87 -38.68 -0.62
CA ASN B 7 -19.79 -38.65 -1.73
C ASN B 7 -19.55 -39.91 -2.57
N VAL B 8 -20.54 -40.81 -2.56
CA VAL B 8 -20.37 -42.10 -3.20
C VAL B 8 -20.10 -41.91 -4.68
N ALA B 9 -20.86 -41.03 -5.33
CA ALA B 9 -20.77 -40.85 -6.78
C ALA B 9 -19.42 -40.31 -7.24
N LEU B 10 -18.79 -39.49 -6.40
CA LEU B 10 -17.50 -38.92 -6.78
C LEU B 10 -16.37 -39.96 -6.72
N ARG B 11 -16.63 -41.09 -6.06
CA ARG B 11 -15.61 -42.14 -5.99
C ARG B 11 -15.33 -42.75 -7.36
N SER B 12 -16.30 -42.63 -8.28
CA SER B 12 -16.10 -43.12 -9.63
CA SER B 12 -16.09 -43.12 -9.63
C SER B 12 -15.10 -42.25 -10.42
N LYS B 13 -14.69 -41.12 -9.83
CA LYS B 13 -13.73 -40.22 -10.50
C LYS B 13 -12.28 -40.43 -10.05
N VAL B 14 -12.06 -41.41 -9.17
CA VAL B 14 -10.72 -41.69 -8.70
C VAL B 14 -9.87 -42.27 -9.84
N CSX B 15 -8.68 -41.70 -10.03
CA CSX B 15 -7.73 -42.24 -10.97
CB CSX B 15 -8.03 -41.77 -12.39
SG CSX B 15 -7.78 -39.99 -12.54
C CSX B 15 -6.32 -42.02 -10.54
O CSX B 15 -6.00 -41.38 -9.54
OD CSX B 15 -7.31 -39.50 -14.02
N PRO B 16 -5.39 -42.63 -11.31
CA PRO B 16 -3.96 -42.51 -11.02
C PRO B 16 -3.38 -41.10 -11.23
N ALA B 17 -2.38 -40.77 -10.44
CA ALA B 17 -1.78 -39.44 -10.49
C ALA B 17 -1.23 -39.17 -11.90
N GLU B 18 -0.60 -40.18 -12.52
CA GLU B 18 -0.10 -40.07 -13.88
C GLU B 18 -1.18 -39.70 -14.88
N THR B 19 -2.25 -40.49 -14.87
CA THR B 19 -3.39 -40.23 -15.72
C THR B 19 -3.99 -38.84 -15.49
N ALA B 20 -4.16 -38.43 -14.23
CA ALA B 20 -4.60 -37.07 -13.93
C ALA B 20 -3.69 -36.01 -14.57
N SER B 21 -2.37 -36.20 -14.46
CA SER B 21 -1.44 -35.17 -14.92
C SER B 21 -1.64 -34.95 -16.42
N GLU B 22 -2.11 -35.97 -17.13
CA GLU B 22 -2.35 -35.84 -18.57
C GLU B 22 -3.44 -34.83 -18.94
N LEU B 23 -4.33 -34.50 -18.02
CA LEU B 23 -5.28 -33.39 -18.19
C LEU B 23 -4.63 -32.01 -18.31
N ILE B 24 -3.38 -31.92 -17.89
CA ILE B 24 -2.67 -30.64 -17.85
C ILE B 24 -1.79 -30.50 -19.08
N LYS B 25 -2.07 -29.51 -19.90
CA LYS B 25 -1.47 -29.37 -21.21
C LYS B 25 -0.43 -28.26 -21.22
N HIS B 26 0.53 -28.39 -22.12
CA HIS B 26 1.51 -27.33 -22.32
C HIS B 26 0.80 -26.00 -22.48
N GLY B 27 1.29 -24.99 -21.75
CA GLY B 27 0.70 -23.66 -21.76
C GLY B 27 -0.42 -23.42 -20.76
N ASP B 28 -0.89 -24.46 -20.07
CA ASP B 28 -1.98 -24.29 -19.08
C ASP B 28 -1.64 -23.39 -17.89
N VAL B 29 -2.66 -22.69 -17.40
CA VAL B 29 -2.61 -21.97 -16.14
C VAL B 29 -3.25 -22.89 -15.09
N VAL B 30 -2.46 -23.19 -14.07
CA VAL B 30 -2.80 -24.10 -13.02
C VAL B 30 -2.81 -23.33 -11.69
N GLY B 31 -3.98 -23.30 -11.05
CA GLY B 31 -4.09 -22.75 -9.72
C GLY B 31 -4.03 -23.92 -8.75
N THR B 32 -3.20 -23.82 -7.72
CA THR B 32 -3.11 -24.87 -6.71
C THR B 32 -3.33 -24.34 -5.29
N SER B 33 -3.78 -25.25 -4.43
CA SER B 33 -3.63 -25.08 -2.99
C SER B 33 -2.14 -25.03 -2.60
N GLY B 34 -1.90 -24.59 -1.37
CA GLY B 34 -0.53 -24.49 -0.87
C GLY B 34 -0.24 -23.09 -0.38
N PHE B 35 0.19 -23.02 0.88
CA PHE B 35 0.46 -21.76 1.57
C PHE B 35 1.44 -22.09 2.69
N THR B 36 2.54 -21.34 2.76
CA THR B 36 3.62 -21.61 3.75
C THR B 36 3.94 -23.09 3.92
N GLY B 37 4.13 -23.80 2.82
CA GLY B 37 4.57 -25.18 2.86
C GLY B 37 3.53 -26.16 3.31
N ALA B 38 2.28 -25.68 3.41
CA ALA B 38 1.16 -26.50 3.88
C ALA B 38 0.04 -26.60 2.84
N GLY B 39 -0.35 -27.81 2.48
CA GLY B 39 -1.64 -28.04 1.85
C GLY B 39 -1.61 -27.96 0.34
N TYR B 40 -0.41 -28.05 -0.23
CA TYR B 40 -0.20 -28.04 -1.67
C TYR B 40 -0.33 -29.47 -2.23
N PRO B 41 -0.74 -29.61 -3.50
CA PRO B 41 -0.83 -30.96 -4.08
C PRO B 41 0.56 -31.55 -4.25
N LYS B 42 0.70 -32.88 -4.22
CA LYS B 42 2.02 -33.53 -4.16
C LYS B 42 2.22 -34.58 -5.26
N GLU B 43 1.22 -35.42 -5.49
CA GLU B 43 1.48 -36.57 -6.36
C GLU B 43 1.32 -36.17 -7.82
N VAL B 44 0.30 -35.37 -8.14
CA VAL B 44 0.07 -35.02 -9.54
C VAL B 44 1.23 -34.14 -10.03
N PRO B 45 1.69 -33.18 -9.20
CA PRO B 45 2.89 -32.42 -9.60
C PRO B 45 4.10 -33.31 -9.91
N LYS B 46 4.38 -34.29 -9.06
CA LYS B 46 5.49 -35.20 -9.33
C LYS B 46 5.32 -35.97 -10.65
N ALA B 47 4.11 -36.49 -10.90
CA ALA B 47 3.89 -37.25 -12.14
C ALA B 47 4.06 -36.35 -13.36
N LEU B 48 3.54 -35.11 -13.23
CA LEU B 48 3.64 -34.11 -14.27
C LEU B 48 5.10 -33.78 -14.59
N ALA B 49 5.90 -33.66 -13.53
CA ALA B 49 7.30 -33.24 -13.67
C ALA B 49 8.03 -34.28 -14.53
N GLN B 50 7.66 -35.53 -14.34
CA GLN B 50 8.35 -36.62 -15.02
C GLN B 50 7.96 -36.66 -16.49
N ARG B 51 6.70 -36.39 -16.77
CA ARG B 51 6.24 -36.38 -18.14
C ARG B 51 6.80 -35.16 -18.88
N MET B 52 6.98 -34.07 -18.14
CA MET B 52 7.57 -32.88 -18.71
C MET B 52 9.01 -33.12 -19.15
N GLU B 53 9.80 -33.77 -18.31
CA GLU B 53 11.20 -34.02 -18.69
C GLU B 53 11.25 -34.87 -19.95
N ALA B 54 10.40 -35.89 -19.98
CA ALA B 54 10.37 -36.82 -21.09
C ALA B 54 10.03 -36.08 -22.37
N ALA B 55 9.02 -35.24 -22.29
CA ALA B 55 8.58 -34.48 -23.45
C ALA B 55 9.70 -33.56 -23.97
N HIS B 56 10.39 -32.89 -23.06
CA HIS B 56 11.48 -31.98 -23.42
C HIS B 56 12.55 -32.75 -24.19
N ASP B 57 12.89 -33.95 -23.70
CA ASP B 57 13.88 -34.80 -24.38
C ASP B 57 13.48 -35.18 -25.81
N ARG B 58 12.18 -35.35 -26.05
CA ARG B 58 11.67 -35.69 -27.37
C ARG B 58 11.47 -34.45 -28.23
N GLY B 59 11.68 -33.28 -27.63
CA GLY B 59 11.62 -32.01 -28.34
C GLY B 59 10.28 -31.33 -28.29
N GLU B 60 9.46 -31.76 -27.35
CA GLU B 60 8.13 -31.19 -27.14
C GLU B 60 8.14 -30.18 -26.00
N LYS B 61 7.77 -28.94 -26.30
CA LYS B 61 7.57 -27.96 -25.24
C LYS B 61 6.47 -28.46 -24.31
N TYR B 62 6.70 -28.25 -23.02
CA TYR B 62 5.76 -28.66 -21.99
C TYR B 62 6.01 -27.85 -20.70
N GLN B 63 5.38 -26.67 -20.62
CA GLN B 63 5.44 -25.83 -19.42
C GLN B 63 4.03 -25.32 -19.00
N ILE B 64 3.91 -24.98 -17.73
CA ILE B 64 2.69 -24.34 -17.21
C ILE B 64 2.98 -23.03 -16.51
N SER B 65 1.89 -22.30 -16.26
CA SER B 65 1.88 -21.21 -15.30
CA SER B 65 1.87 -21.21 -15.31
C SER B 65 1.38 -21.76 -13.98
N LEU B 66 2.14 -21.52 -12.91
CA LEU B 66 1.79 -22.06 -11.60
C LEU B 66 1.40 -20.92 -10.67
N ILE B 67 0.10 -20.84 -10.34
CA ILE B 67 -0.43 -19.83 -9.40
C ILE B 67 -0.86 -20.53 -8.11
N THR B 68 -0.35 -20.06 -6.97
CA THR B 68 -0.61 -20.75 -5.70
C THR B 68 -1.31 -19.82 -4.68
N GLY B 69 -1.47 -20.31 -3.46
CA GLY B 69 -1.77 -19.44 -2.33
C GLY B 69 -0.50 -18.69 -1.96
N ALA B 70 0.49 -19.44 -1.54
CA ALA B 70 1.83 -18.87 -1.42
C ALA B 70 2.79 -20.03 -1.63
N SER B 71 3.69 -20.27 -0.69
CA SER B 71 4.80 -21.19 -0.94
C SER B 71 4.31 -22.63 -0.85
N THR B 72 5.03 -23.55 -1.51
CA THR B 72 4.65 -24.93 -1.49
C THR B 72 5.78 -25.80 -0.93
N GLY B 73 6.27 -26.76 -1.67
CA GLY B 73 7.38 -27.57 -1.18
C GLY B 73 7.99 -28.33 -2.31
N PRO B 74 8.94 -29.22 -1.99
CA PRO B 74 9.72 -29.96 -3.00
C PRO B 74 8.87 -30.74 -4.00
N GLN B 75 7.72 -31.28 -3.56
CA GLN B 75 6.92 -32.12 -4.46
C GLN B 75 6.29 -31.30 -5.54
N LEU B 76 6.18 -30.00 -5.32
CA LEU B 76 5.47 -29.17 -6.25
C LEU B 76 6.44 -28.23 -6.89
N ASP B 77 6.76 -27.15 -6.20
CA ASP B 77 7.75 -26.22 -6.71
C ASP B 77 9.09 -26.89 -7.08
N GLY B 78 9.60 -27.73 -6.17
CA GLY B 78 10.85 -28.46 -6.38
C GLY B 78 10.88 -29.30 -7.64
N GLU B 79 9.92 -30.20 -7.79
CA GLU B 79 9.96 -31.14 -8.92
C GLU B 79 9.73 -30.42 -10.24
N LEU B 80 8.80 -29.47 -10.26
CA LEU B 80 8.51 -28.77 -11.50
C LEU B 80 9.70 -27.87 -11.91
N ALA B 81 10.38 -27.28 -10.94
CA ALA B 81 11.62 -26.52 -11.19
C ALA B 81 12.71 -27.42 -11.86
N LYS B 82 12.97 -28.56 -11.24
CA LYS B 82 13.93 -29.54 -11.77
C LYS B 82 13.60 -29.91 -13.22
N ALA B 83 12.33 -30.12 -13.51
CA ALA B 83 11.91 -30.49 -14.87
C ALA B 83 11.90 -29.32 -15.83
N ASN B 84 12.20 -28.11 -15.32
CA ASN B 84 12.14 -26.90 -16.11
C ASN B 84 10.77 -26.74 -16.76
N GLY B 85 9.72 -27.03 -15.99
CA GLY B 85 8.35 -27.05 -16.52
C GLY B 85 7.43 -25.90 -16.13
N VAL B 86 7.95 -24.87 -15.47
CA VAL B 86 7.14 -23.68 -15.15
C VAL B 86 7.59 -22.44 -15.88
N TYR B 87 6.73 -21.91 -16.76
CA TYR B 87 7.13 -20.70 -17.47
CA TYR B 87 6.98 -20.68 -17.51
C TYR B 87 6.86 -19.43 -16.65
N PHE B 88 5.89 -19.46 -15.75
CA PHE B 88 5.54 -18.30 -14.94
C PHE B 88 5.03 -18.77 -13.60
N ARG B 89 5.40 -18.05 -12.55
CA ARG B 89 5.13 -18.42 -11.17
C ARG B 89 4.66 -17.21 -10.38
N SER B 90 3.65 -17.42 -9.54
CA SER B 90 3.08 -16.38 -8.71
C SER B 90 2.31 -17.03 -7.59
N PRO B 91 2.32 -16.43 -6.38
CA PRO B 91 2.88 -15.15 -5.98
C PRO B 91 4.03 -15.24 -5.02
N PHE B 92 4.37 -16.44 -4.58
CA PHE B 92 5.29 -16.58 -3.45
C PHE B 92 5.89 -18.00 -3.47
N ASN B 93 7.21 -18.03 -3.41
CA ASN B 93 7.97 -19.28 -3.50
C ASN B 93 9.06 -19.30 -2.47
N THR B 94 9.35 -20.47 -1.91
CA THR B 94 10.52 -20.58 -1.03
C THR B 94 11.36 -21.79 -1.34
N ASP B 95 11.03 -22.49 -2.40
CA ASP B 95 11.78 -23.69 -2.75
C ASP B 95 13.06 -23.24 -3.41
N ALA B 96 14.20 -23.82 -3.02
CA ALA B 96 15.51 -23.42 -3.55
C ALA B 96 15.65 -23.65 -5.06
N THR B 97 15.19 -24.80 -5.56
CA THR B 97 15.30 -25.09 -6.99
C THR B 97 14.50 -24.08 -7.85
N MET B 98 13.30 -23.76 -7.41
CA MET B 98 12.46 -22.77 -8.07
C MET B 98 13.08 -21.39 -7.96
N ARG B 99 13.64 -21.09 -6.79
CA ARG B 99 14.32 -19.81 -6.62
C ARG B 99 15.49 -19.69 -7.61
N ASN B 100 16.21 -20.78 -7.84
CA ASN B 100 17.33 -20.72 -8.77
C ASN B 100 16.83 -20.52 -10.22
N ARG B 101 15.74 -21.19 -10.59
CA ARG B 101 15.12 -20.93 -11.91
C ARG B 101 14.74 -19.45 -12.04
N ILE B 102 14.12 -18.89 -11.02
CA ILE B 102 13.74 -17.49 -11.03
C ILE B 102 14.95 -16.58 -11.15
N ASN B 103 16.00 -16.80 -10.38
CA ASN B 103 17.12 -15.90 -10.41
C ASN B 103 18.03 -16.12 -11.63
N ALA B 104 17.79 -17.21 -12.36
CA ALA B 104 18.50 -17.50 -13.61
C ALA B 104 17.69 -16.97 -14.82
N GLY B 105 16.48 -16.48 -14.57
CA GLY B 105 15.60 -16.00 -15.61
C GLY B 105 14.88 -17.09 -16.40
N GLU B 106 14.88 -18.31 -15.85
CA GLU B 106 14.30 -19.44 -16.53
C GLU B 106 12.81 -19.64 -16.17
N THR B 107 12.39 -19.10 -15.04
CA THR B 107 10.97 -19.02 -14.71
C THR B 107 10.64 -17.54 -14.45
N GLU B 108 9.64 -17.03 -15.14
CA GLU B 108 9.14 -15.69 -14.87
C GLU B 108 8.35 -15.70 -13.54
N TYR B 109 8.59 -14.72 -12.70
CA TYR B 109 7.99 -14.64 -11.37
C TYR B 109 7.47 -13.23 -11.15
N PHE B 110 6.27 -13.09 -10.54
CA PHE B 110 5.81 -11.83 -10.02
C PHE B 110 5.19 -12.06 -8.64
N ASP B 111 5.74 -11.40 -7.62
CA ASP B 111 5.30 -11.60 -6.26
C ASP B 111 4.22 -10.58 -5.87
N ASN B 112 2.98 -10.89 -6.23
CA ASN B 112 1.83 -10.06 -5.86
C ASN B 112 1.60 -10.08 -4.36
N HIS B 113 1.07 -8.97 -3.86
CA HIS B 113 0.51 -8.96 -2.52
C HIS B 113 -0.43 -10.14 -2.37
N LEU B 114 -0.24 -10.95 -1.33
CA LEU B 114 -0.99 -12.17 -1.18
C LEU B 114 -2.49 -11.95 -1.06
N GLY B 115 -2.92 -10.85 -0.45
CA GLY B 115 -4.35 -10.59 -0.35
C GLY B 115 -5.05 -10.19 -1.64
N GLN B 116 -4.26 -9.88 -2.65
CA GLN B 116 -4.77 -9.42 -3.93
C GLN B 116 -4.81 -10.48 -5.03
N VAL B 117 -4.16 -11.61 -4.79
CA VAL B 117 -4.02 -12.62 -5.83
C VAL B 117 -5.37 -13.12 -6.34
N ALA B 118 -6.27 -13.43 -5.42
CA ALA B 118 -7.59 -13.92 -5.83
C ALA B 118 -8.25 -12.91 -6.76
N GLY B 119 -8.22 -11.63 -6.39
CA GLY B 119 -8.83 -10.57 -7.19
C GLY B 119 -8.26 -10.41 -8.57
N ARG B 120 -6.95 -10.44 -8.66
CA ARG B 120 -6.26 -10.35 -9.95
C ARG B 120 -6.50 -11.58 -10.82
N ALA B 121 -6.58 -12.75 -10.20
CA ALA B 121 -6.92 -13.95 -10.94
C ALA B 121 -8.32 -13.84 -11.54
N VAL B 122 -9.30 -13.40 -10.75
CA VAL B 122 -10.67 -13.20 -11.25
C VAL B 122 -10.70 -12.16 -12.35
N GLN B 123 -9.93 -11.09 -12.20
CA GLN B 123 -9.80 -10.07 -13.24
C GLN B 123 -9.23 -10.59 -14.56
N GLY B 124 -8.52 -11.69 -14.52
CA GLY B 124 -7.94 -12.25 -15.75
C GLY B 124 -6.44 -11.97 -15.90
N ASN B 125 -5.79 -11.52 -14.85
CA ASN B 125 -4.38 -11.06 -14.99
C ASN B 125 -3.41 -12.18 -15.30
N TYR B 126 -3.73 -13.40 -14.85
CA TYR B 126 -2.88 -14.54 -15.11
C TYR B 126 -3.34 -15.34 -16.30
N GLY B 127 -4.42 -14.88 -16.94
CA GLY B 127 -5.06 -15.65 -18.00
C GLY B 127 -6.18 -16.52 -17.46
N LYS B 128 -6.70 -17.35 -18.34
CA LYS B 128 -7.77 -18.24 -17.98
C LYS B 128 -7.20 -19.45 -17.22
N PHE B 129 -7.84 -19.81 -16.11
CA PHE B 129 -7.40 -20.99 -15.39
C PHE B 129 -7.94 -22.27 -16.04
N ASN B 130 -7.01 -23.08 -16.54
CA ASN B 130 -7.39 -24.34 -17.16
C ASN B 130 -7.65 -25.40 -16.11
N ILE B 131 -6.87 -25.34 -15.04
CA ILE B 131 -6.83 -26.37 -14.02
C ILE B 131 -6.77 -25.73 -12.63
N ALA B 132 -7.53 -26.30 -11.71
CA ALA B 132 -7.35 -26.07 -10.28
C ALA B 132 -6.99 -27.42 -9.70
N LEU B 133 -5.85 -27.46 -9.01
CA LEU B 133 -5.33 -28.69 -8.44
C LEU B 133 -5.26 -28.47 -6.92
N VAL B 134 -6.15 -29.12 -6.17
CA VAL B 134 -6.38 -28.75 -4.77
C VAL B 134 -6.28 -29.96 -3.86
N GLU B 135 -5.51 -29.82 -2.79
CA GLU B 135 -5.40 -30.91 -1.80
C GLU B 135 -6.59 -30.86 -0.85
N ALA B 136 -7.12 -32.02 -0.52
CA ALA B 136 -8.24 -32.11 0.37
C ALA B 136 -7.96 -33.16 1.43
N THR B 137 -8.49 -32.89 2.61
CA THR B 137 -8.59 -33.84 3.70
C THR B 137 -9.70 -34.88 3.42
N ALA B 138 -10.79 -34.40 2.87
CA ALA B 138 -11.94 -35.26 2.61
C ALA B 138 -12.90 -34.62 1.60
N ILE B 139 -13.88 -35.40 1.18
CA ILE B 139 -14.96 -34.90 0.35
C ILE B 139 -16.27 -35.28 1.04
N THR B 140 -17.04 -34.29 1.46
CA THR B 140 -18.23 -34.57 2.25
C THR B 140 -19.34 -35.23 1.41
N GLU B 141 -20.35 -35.73 2.10
CA GLU B 141 -21.50 -36.34 1.46
C GLU B 141 -22.13 -35.41 0.42
N ASP B 142 -22.13 -34.11 0.70
CA ASP B 142 -22.75 -33.11 -0.19
C ASP B 142 -21.79 -32.65 -1.30
N GLY B 143 -20.57 -33.15 -1.25
CA GLY B 143 -19.62 -32.87 -2.31
C GLY B 143 -18.77 -31.66 -2.01
N GLY B 144 -18.76 -31.25 -0.75
CA GLY B 144 -17.90 -30.19 -0.29
C GLY B 144 -16.45 -30.67 -0.16
N ILE B 145 -15.52 -29.83 -0.56
CA ILE B 145 -14.08 -30.15 -0.44
C ILE B 145 -13.53 -29.62 0.85
N VAL B 146 -13.18 -30.50 1.79
CA VAL B 146 -12.56 -30.03 3.02
C VAL B 146 -11.07 -29.74 2.78
N PRO B 147 -10.63 -28.48 3.00
CA PRO B 147 -9.20 -28.18 2.86
C PRO B 147 -8.30 -28.98 3.80
N THR B 148 -6.99 -28.90 3.59
CA THR B 148 -6.05 -29.53 4.50
C THR B 148 -5.46 -28.43 5.38
N SER B 149 -4.13 -28.29 5.42
CA SER B 149 -3.48 -27.38 6.40
C SER B 149 -3.44 -25.89 6.01
N SER B 150 -4.12 -25.55 4.92
CA SER B 150 -4.25 -24.15 4.54
C SER B 150 -5.47 -23.98 3.67
N VAL B 151 -5.92 -22.73 3.53
CA VAL B 151 -7.01 -22.39 2.65
C VAL B 151 -6.44 -21.71 1.43
N GLY B 152 -5.69 -20.65 1.67
CA GLY B 152 -5.04 -19.97 0.57
C GLY B 152 -6.07 -19.40 -0.37
N ASN B 153 -5.83 -19.62 -1.66
CA ASN B 153 -6.65 -19.11 -2.76
C ASN B 153 -7.54 -20.21 -3.35
N SER B 154 -7.65 -21.33 -2.65
CA SER B 154 -8.32 -22.51 -3.21
C SER B 154 -9.76 -22.29 -3.66
N GLN B 155 -10.57 -21.55 -2.89
CA GLN B 155 -11.93 -21.33 -3.28
C GLN B 155 -11.98 -20.62 -4.63
N THR B 156 -11.11 -19.63 -4.81
CA THR B 156 -11.11 -18.84 -6.01
C THR B 156 -10.64 -19.68 -7.20
N PHE B 157 -9.57 -20.47 -7.04
CA PHE B 157 -9.11 -21.30 -8.14
C PHE B 157 -10.20 -22.29 -8.58
N LEU B 158 -10.90 -22.90 -7.63
CA LEU B 158 -11.99 -23.83 -7.94
C LEU B 158 -13.11 -23.17 -8.75
N ASN B 159 -13.41 -21.94 -8.38
CA ASN B 159 -14.41 -21.11 -9.08
C ASN B 159 -13.99 -20.86 -10.53
N LEU B 160 -12.72 -20.48 -10.70
CA LEU B 160 -12.23 -20.04 -12.01
C LEU B 160 -11.90 -21.17 -12.96
N ALA B 161 -11.47 -22.32 -12.43
CA ALA B 161 -10.81 -23.30 -13.30
C ALA B 161 -11.79 -24.06 -14.18
N GLU B 162 -11.36 -24.40 -15.40
CA GLU B 162 -12.19 -25.18 -16.31
C GLU B 162 -12.36 -26.63 -15.85
N LYS B 163 -11.27 -27.24 -15.42
CA LYS B 163 -11.30 -28.56 -14.85
C LYS B 163 -10.65 -28.58 -13.48
N VAL B 164 -11.13 -29.47 -12.63
CA VAL B 164 -10.66 -29.55 -11.27
C VAL B 164 -10.09 -30.95 -11.02
N ILE B 165 -8.91 -30.97 -10.40
CA ILE B 165 -8.32 -32.19 -9.87
C ILE B 165 -8.18 -32.07 -8.36
N ILE B 166 -8.68 -33.06 -7.63
CA ILE B 166 -8.58 -33.06 -6.19
C ILE B 166 -7.63 -34.17 -5.77
N GLU B 167 -6.60 -33.83 -4.98
CA GLU B 167 -5.82 -34.87 -4.32
C GLU B 167 -6.43 -35.05 -2.92
N VAL B 168 -6.88 -36.24 -2.59
CA VAL B 168 -7.36 -36.48 -1.24
C VAL B 168 -6.26 -37.17 -0.48
N ASN B 169 -5.69 -36.46 0.48
CA ASN B 169 -4.45 -36.89 1.14
C ASN B 169 -4.68 -37.52 2.53
N GLU B 170 -4.46 -38.82 2.63
CA GLU B 170 -4.79 -39.54 3.85
C GLU B 170 -3.80 -39.18 4.96
N TRP B 171 -2.65 -38.63 4.58
CA TRP B 171 -1.66 -38.17 5.56
C TRP B 171 -2.19 -37.04 6.42
N GLN B 172 -3.05 -36.17 5.85
CA GLN B 172 -3.63 -35.05 6.58
C GLN B 172 -4.67 -35.48 7.61
N ASN B 173 -4.72 -34.75 8.73
CA ASN B 173 -5.53 -35.18 9.87
C ASN B 173 -7.01 -35.00 9.55
N PRO B 174 -7.81 -36.07 9.69
CA PRO B 174 -9.24 -35.89 9.41
C PRO B 174 -9.92 -34.85 10.30
N MET B 175 -9.35 -34.58 11.47
CA MET B 175 -9.95 -33.61 12.40
C MET B 175 -9.66 -32.16 12.02
N LEU B 176 -8.95 -31.94 10.91
CA LEU B 176 -8.92 -30.59 10.33
C LEU B 176 -10.32 -30.10 9.90
N GLU B 177 -11.20 -31.04 9.61
CA GLU B 177 -12.57 -30.69 9.19
C GLU B 177 -13.30 -29.96 10.34
N GLY B 178 -13.70 -28.71 10.09
CA GLY B 178 -14.32 -27.87 11.09
C GLY B 178 -13.49 -26.60 11.33
N ILE B 179 -12.21 -26.68 11.02
CA ILE B 179 -11.30 -25.60 11.39
C ILE B 179 -11.35 -24.43 10.44
N HIS B 180 -11.80 -24.66 9.21
CA HIS B 180 -11.76 -23.62 8.18
C HIS B 180 -13.04 -22.80 8.16
N ASP B 181 -12.93 -21.59 7.65
CA ASP B 181 -14.06 -20.70 7.50
C ASP B 181 -13.95 -20.12 6.11
N ILE B 182 -14.85 -20.59 5.25
CA ILE B 182 -14.87 -20.24 3.83
C ILE B 182 -16.09 -19.42 3.59
N TRP B 183 -15.90 -18.20 3.11
CA TRP B 183 -17.00 -17.26 3.02
C TRP B 183 -17.65 -17.33 1.64
N ASP B 184 -18.98 -17.28 1.68
CA ASP B 184 -19.81 -17.25 0.49
C ASP B 184 -19.75 -15.93 -0.29
N GLY B 185 -19.34 -14.85 0.36
CA GLY B 185 -19.50 -13.52 -0.21
C GLY B 185 -18.52 -13.17 -1.32
N ASN B 186 -18.78 -12.04 -1.94
CA ASN B 186 -17.93 -11.50 -2.99
C ASN B 186 -16.83 -10.69 -2.37
N VAL B 187 -15.68 -11.34 -2.10
CA VAL B 187 -14.53 -10.64 -1.52
C VAL B 187 -13.62 -10.09 -2.60
N SER B 188 -13.43 -10.90 -3.63
CA SER B 188 -12.44 -10.66 -4.65
C SER B 188 -13.01 -10.78 -6.05
N GLY B 189 -14.33 -10.65 -6.19
CA GLY B 189 -14.94 -10.80 -7.49
C GLY B 189 -15.20 -9.47 -8.18
N VAL B 190 -16.23 -9.43 -9.03
CA VAL B 190 -16.51 -8.22 -9.78
C VAL B 190 -17.07 -7.14 -8.86
N PRO B 191 -16.56 -5.90 -8.97
CA PRO B 191 -17.12 -4.83 -8.14
C PRO B 191 -18.59 -4.58 -8.50
N THR B 192 -19.41 -4.09 -7.57
CA THR B 192 -19.00 -3.75 -6.22
C THR B 192 -18.92 -5.02 -5.36
N ARG B 193 -17.85 -5.14 -4.60
CA ARG B 193 -17.71 -6.26 -3.68
C ARG B 193 -18.60 -6.13 -2.48
N ASP B 194 -18.73 -7.21 -1.75
CA ASP B 194 -19.53 -7.22 -0.52
C ASP B 194 -18.73 -6.71 0.66
N ILE B 195 -19.39 -6.21 1.68
CA ILE B 195 -18.73 -5.97 2.96
C ILE B 195 -18.50 -7.31 3.66
N VAL B 196 -17.26 -7.58 4.06
CA VAL B 196 -16.97 -8.77 4.86
C VAL B 196 -17.24 -8.41 6.32
N PRO B 197 -18.25 -9.02 6.96
CA PRO B 197 -18.69 -8.49 8.26
C PRO B 197 -17.82 -8.93 9.44
N ILE B 198 -16.53 -9.14 9.24
CA ILE B 198 -15.67 -9.52 10.35
C ILE B 198 -15.33 -8.30 11.19
N VAL B 199 -15.69 -8.29 12.47
CA VAL B 199 -15.32 -7.18 13.35
C VAL B 199 -14.58 -7.68 14.55
N ARG B 200 -14.41 -8.99 14.62
CA ARG B 200 -13.64 -9.63 15.66
CA ARG B 200 -13.55 -9.56 15.64
C ARG B 200 -12.80 -10.76 15.05
N ALA B 201 -11.56 -10.90 15.50
CA ALA B 201 -10.65 -11.88 14.92
C ALA B 201 -11.14 -13.31 15.02
N ASP B 202 -11.98 -13.61 16.01
CA ASP B 202 -12.51 -14.96 16.21
C ASP B 202 -13.90 -15.19 15.61
N GLN B 203 -14.35 -14.27 14.77
CA GLN B 203 -15.68 -14.36 14.20
C GLN B 203 -15.70 -15.23 12.94
N ARG B 204 -16.58 -16.24 12.96
CA ARG B 204 -16.78 -17.09 11.78
C ARG B 204 -17.91 -16.51 10.96
N VAL B 205 -17.73 -16.45 9.65
CA VAL B 205 -18.73 -15.86 8.77
C VAL B 205 -19.14 -16.78 7.63
N GLY B 206 -18.60 -17.99 7.63
CA GLY B 206 -18.79 -18.90 6.50
C GLY B 206 -18.92 -20.32 6.94
N GLY B 207 -18.44 -21.24 6.10
CA GLY B 207 -18.60 -22.66 6.34
C GLY B 207 -17.31 -23.44 6.26
N PRO B 208 -17.43 -24.76 6.41
CA PRO B 208 -16.22 -25.59 6.56
C PRO B 208 -15.61 -26.13 5.29
N VAL B 209 -16.27 -25.97 4.15
CA VAL B 209 -15.86 -26.64 2.93
C VAL B 209 -15.67 -25.64 1.79
N LEU B 210 -14.80 -26.00 0.87
CA LEU B 210 -14.74 -25.32 -0.41
C LEU B 210 -15.88 -25.83 -1.27
N ARG B 211 -16.48 -24.95 -2.05
CA ARG B 211 -17.59 -25.35 -2.91
C ARG B 211 -17.10 -25.46 -4.36
N VAL B 212 -17.51 -26.54 -5.02
CA VAL B 212 -17.22 -26.71 -6.44
C VAL B 212 -18.34 -27.53 -7.09
N ASN B 213 -18.71 -27.12 -8.29
CA ASN B 213 -19.57 -27.92 -9.14
C ASN B 213 -18.95 -29.30 -9.43
N PRO B 214 -19.66 -30.40 -9.07
CA PRO B 214 -18.99 -31.67 -9.29
C PRO B 214 -18.77 -32.01 -10.78
N ASP B 215 -19.48 -31.39 -11.71
CA ASP B 215 -19.26 -31.65 -13.12
C ASP B 215 -17.89 -31.13 -13.59
N LYS B 216 -17.28 -30.22 -12.82
CA LYS B 216 -15.94 -29.71 -13.13
C LYS B 216 -14.83 -30.62 -12.63
N ILE B 217 -15.16 -31.55 -11.75
CA ILE B 217 -14.15 -32.46 -11.24
C ILE B 217 -13.82 -33.55 -12.26
N ALA B 218 -12.60 -33.49 -12.80
CA ALA B 218 -12.22 -34.39 -13.90
C ALA B 218 -11.47 -35.59 -13.37
N ALA B 219 -11.01 -35.50 -12.12
CA ALA B 219 -10.18 -36.53 -11.55
C ALA B 219 -10.00 -36.29 -10.06
N ILE B 220 -9.97 -37.39 -9.32
CA ILE B 220 -9.67 -37.37 -7.90
C ILE B 220 -8.54 -38.37 -7.69
N VAL B 221 -7.48 -37.93 -7.04
CA VAL B 221 -6.31 -38.75 -6.85
C VAL B 221 -6.12 -39.01 -5.37
N ARG B 222 -6.13 -40.28 -4.99
CA ARG B 222 -5.84 -40.64 -3.62
C ARG B 222 -4.32 -40.53 -3.41
N THR B 223 -3.92 -39.77 -2.40
CA THR B 223 -2.53 -39.57 -2.06
C THR B 223 -2.26 -39.83 -0.61
N ASN B 224 -0.96 -39.87 -0.31
CA ASN B 224 -0.44 -40.13 1.00
C ASN B 224 0.99 -39.59 1.04
N ASP B 225 1.14 -38.33 1.43
CA ASP B 225 2.46 -37.71 1.48
C ASP B 225 2.44 -36.47 2.37
N ARG B 226 3.61 -36.13 2.92
CA ARG B 226 3.71 -35.13 3.98
C ARG B 226 3.90 -33.70 3.49
N ASP B 227 3.39 -32.75 4.28
CA ASP B 227 3.70 -31.34 4.09
C ASP B 227 5.19 -31.10 4.39
N ARG B 228 5.69 -29.91 4.08
CA ARG B 228 6.98 -29.47 4.61
C ARG B 228 6.81 -29.10 6.06
N ASN B 229 7.86 -29.21 6.85
CA ASN B 229 7.80 -28.64 8.19
C ASN B 229 8.79 -27.48 8.33
N ALA B 230 8.46 -26.51 9.17
CA ALA B 230 9.43 -25.49 9.63
C ALA B 230 10.51 -26.19 10.41
N PRO B 231 11.68 -25.55 10.55
CA PRO B 231 12.65 -26.37 11.27
C PRO B 231 12.34 -26.33 12.75
N PHE B 232 12.86 -27.31 13.48
CA PHE B 232 12.91 -27.18 14.92
C PHE B 232 14.23 -26.49 15.24
N ALA B 233 14.17 -25.19 15.45
CA ALA B 233 15.38 -24.46 15.78
C ALA B 233 15.03 -23.19 16.53
N ALA B 234 15.77 -22.94 17.59
CA ALA B 234 15.39 -21.97 18.59
C ALA B 234 16.03 -20.62 18.41
N PRO B 235 15.39 -19.57 18.94
CA PRO B 235 15.91 -18.20 18.92
C PRO B 235 17.28 -18.03 19.61
N ASP B 236 18.26 -17.48 18.91
CA ASP B 236 19.56 -17.19 19.51
C ASP B 236 19.57 -15.83 20.23
N GLU B 237 20.74 -15.40 20.71
CA GLU B 237 20.82 -14.21 21.55
C GLU B 237 20.45 -12.94 20.78
N THR B 238 20.69 -12.93 19.48
CA THR B 238 20.30 -11.83 18.65
C THR B 238 18.76 -11.69 18.58
N ALA B 239 18.06 -12.78 18.27
CA ALA B 239 16.61 -12.73 18.18
C ALA B 239 15.98 -12.39 19.55
N LYS B 240 16.57 -12.90 20.60
CA LYS B 240 16.05 -12.66 21.94
C LYS B 240 16.24 -11.20 22.33
N ALA B 241 17.38 -10.60 21.97
CA ALA B 241 17.58 -9.17 22.17
C ALA B 241 16.49 -8.37 21.47
N ILE B 242 16.21 -8.72 20.24
CA ILE B 242 15.16 -8.06 19.46
C ILE B 242 13.80 -8.17 20.15
N ALA B 243 13.48 -9.38 20.61
CA ALA B 243 12.19 -9.62 21.26
C ALA B 243 12.11 -8.81 22.56
N GLY B 244 13.25 -8.68 23.26
CA GLY B 244 13.33 -7.93 24.49
C GLY B 244 13.00 -6.46 24.30
N TYR B 245 13.58 -5.84 23.27
CA TYR B 245 13.30 -4.45 22.96
C TYR B 245 11.83 -4.29 22.57
N LEU B 246 11.30 -5.20 21.74
CA LEU B 246 9.91 -5.04 21.30
C LEU B 246 8.94 -5.11 22.46
N LEU B 247 9.18 -6.08 23.33
CA LEU B 247 8.31 -6.31 24.48
C LEU B 247 8.36 -5.13 25.43
N ASP B 248 9.55 -4.57 25.60
CA ASP B 248 9.68 -3.34 26.39
C ASP B 248 8.89 -2.20 25.76
N PHE B 249 9.02 -2.03 24.44
CA PHE B 249 8.23 -1.06 23.69
C PHE B 249 6.73 -1.21 23.94
N PHE B 250 6.19 -2.41 23.74
CA PHE B 250 4.77 -2.69 23.96
C PHE B 250 4.38 -2.28 25.39
N GLY B 251 5.28 -2.53 26.33
CA GLY B 251 5.04 -2.22 27.73
C GLY B 251 4.87 -0.72 27.93
N HIS B 252 5.79 0.05 27.35
CA HIS B 252 5.74 1.49 27.40
C HIS B 252 4.46 2.02 26.74
N GLU B 253 4.11 1.45 25.60
CA GLU B 253 2.89 1.86 24.94
C GLU B 253 1.67 1.67 25.83
N VAL B 254 1.57 0.51 26.46
CA VAL B 254 0.42 0.24 27.32
C VAL B 254 0.36 1.22 28.51
N LYS B 255 1.51 1.43 29.13
CA LYS B 255 1.66 2.38 30.22
C LYS B 255 1.28 3.81 29.84
N GLN B 256 1.56 4.18 28.59
CA GLN B 256 1.16 5.47 28.07
C GLN B 256 -0.29 5.45 27.55
N ASN B 257 -0.96 4.31 27.70
CA ASN B 257 -2.30 4.09 27.17
C ASN B 257 -2.42 4.27 25.64
N ARG B 258 -1.43 3.81 24.89
CA ARG B 258 -1.48 3.89 23.45
C ARG B 258 -1.77 2.51 22.89
N LEU B 259 -1.80 1.53 23.79
CA LEU B 259 -2.26 0.18 23.47
C LEU B 259 -3.01 -0.36 24.66
N PRO B 260 -4.02 -1.21 24.40
CA PRO B 260 -4.67 -1.86 25.54
C PRO B 260 -3.74 -2.87 26.20
N PRO B 261 -4.03 -3.25 27.45
CA PRO B 261 -3.22 -4.26 28.15
C PRO B 261 -3.22 -5.61 27.43
N SER B 262 -4.25 -5.89 26.63
CA SER B 262 -4.27 -7.09 25.78
CA SER B 262 -4.24 -7.09 25.81
C SER B 262 -3.66 -6.80 24.41
N LEU B 263 -3.05 -5.63 24.26
CA LEU B 263 -2.49 -5.22 22.98
C LEU B 263 -3.60 -5.19 21.90
N LEU B 264 -3.27 -5.55 20.66
CA LEU B 264 -4.24 -5.55 19.53
C LEU B 264 -3.99 -6.81 18.72
N PRO B 265 -4.89 -7.13 17.79
CA PRO B 265 -4.60 -8.38 17.06
C PRO B 265 -3.20 -8.37 16.41
N LEU B 266 -2.50 -9.50 16.54
CA LEU B 266 -1.10 -9.60 16.17
C LEU B 266 -0.89 -10.31 14.86
N GLN B 267 -0.11 -9.70 13.98
CA GLN B 267 0.32 -10.38 12.78
C GLN B 267 1.80 -10.57 12.95
N SER B 268 2.18 -11.83 12.94
CA SER B 268 3.56 -12.19 13.09
C SER B 268 3.99 -12.79 11.76
N GLY B 269 5.02 -12.19 11.21
CA GLY B 269 5.55 -12.58 9.91
C GLY B 269 6.12 -13.97 9.86
N VAL B 270 6.42 -14.39 8.65
CA VAL B 270 7.13 -15.64 8.43
C VAL B 270 8.63 -15.40 8.69
N GLY B 271 9.24 -16.26 9.52
CA GLY B 271 10.66 -16.16 9.84
C GLY B 271 11.03 -16.56 11.26
N ASN B 272 12.32 -16.47 11.64
CA ASN B 272 12.85 -16.85 12.96
C ASN B 272 12.94 -15.74 14.05
N VAL B 273 12.86 -14.49 13.63
CA VAL B 273 12.78 -13.40 14.61
C VAL B 273 11.36 -13.47 15.20
N ALA B 274 10.38 -13.82 14.36
CA ALA B 274 9.02 -14.08 14.85
C ALA B 274 9.01 -15.09 16.02
N ASN B 275 9.73 -16.17 15.88
CA ASN B 275 9.71 -17.17 16.92
C ASN B 275 10.21 -16.60 18.23
N ALA B 276 11.29 -15.84 18.17
CA ALA B 276 11.76 -15.17 19.35
C ALA B 276 10.66 -14.27 19.88
N VAL B 277 9.98 -13.55 19.01
CA VAL B 277 9.02 -12.57 19.54
C VAL B 277 7.86 -13.29 20.22
N LEU B 278 7.39 -14.36 19.59
CA LEU B 278 6.24 -15.10 20.07
C LEU B 278 6.60 -15.83 21.31
N GLU B 279 7.82 -16.30 21.36
CA GLU B 279 8.28 -17.03 22.52
C GLU B 279 8.37 -16.04 23.65
N GLY B 280 8.71 -14.79 23.34
CA GLY B 280 8.75 -13.74 24.34
C GLY B 280 7.36 -13.42 24.86
N LEU B 281 6.39 -13.29 23.95
CA LEU B 281 5.02 -12.98 24.35
C LEU B 281 4.38 -14.11 25.15
N LYS B 282 4.79 -15.35 24.88
CA LYS B 282 4.29 -16.53 25.59
C LYS B 282 4.45 -16.42 27.12
N GLU B 283 5.46 -15.69 27.57
CA GLU B 283 5.70 -15.51 28.99
C GLU B 283 5.81 -14.03 29.32
N GLY B 284 5.14 -13.23 28.49
CA GLY B 284 5.10 -11.78 28.67
C GLY B 284 3.89 -11.39 29.49
N PRO B 285 3.77 -10.10 29.82
CA PRO B 285 2.79 -9.53 30.76
C PRO B 285 1.48 -9.15 30.10
N PHE B 286 1.35 -9.49 28.83
CA PHE B 286 0.20 -9.14 28.01
C PHE B 286 -0.71 -10.34 27.88
N GLU B 287 -1.84 -10.33 28.59
CA GLU B 287 -2.74 -11.48 28.59
C GLU B 287 -3.92 -11.29 27.61
N ASN B 288 -4.60 -12.39 27.28
CA ASN B 288 -5.78 -12.35 26.41
C ASN B 288 -5.44 -11.84 25.00
N LEU B 289 -4.26 -12.19 24.54
CA LEU B 289 -3.84 -11.84 23.19
C LEU B 289 -4.67 -12.56 22.14
N VAL B 290 -4.71 -11.94 20.97
CA VAL B 290 -5.44 -12.39 19.80
C VAL B 290 -4.51 -12.33 18.56
N GLY B 291 -4.48 -13.40 17.76
CA GLY B 291 -3.76 -13.39 16.49
C GLY B 291 -4.70 -13.10 15.34
N TYR B 292 -4.30 -12.16 14.48
CA TYR B 292 -4.94 -12.04 13.17
C TYR B 292 -3.84 -11.94 12.16
N SER B 293 -3.46 -13.10 11.61
CA SER B 293 -2.25 -13.21 10.85
C SER B 293 -2.49 -13.97 9.55
N GLU B 294 -1.41 -14.29 8.85
CA GLU B 294 -1.42 -15.17 7.71
C GLU B 294 -1.20 -16.59 8.13
N VAL B 295 -0.36 -16.77 9.15
CA VAL B 295 0.09 -18.12 9.50
C VAL B 295 0.07 -18.41 11.03
N ILE B 296 -0.16 -19.68 11.37
CA ILE B 296 -0.05 -20.23 12.72
C ILE B 296 1.35 -20.85 12.84
N GLN B 297 2.28 -20.17 13.51
CA GLN B 297 3.63 -20.69 13.74
C GLN B 297 3.71 -21.52 15.05
N ASP B 298 4.88 -22.07 15.34
CA ASP B 298 5.12 -22.76 16.60
C ASP B 298 4.81 -21.85 17.80
N GLY B 299 5.27 -20.60 17.74
CA GLY B 299 5.03 -19.62 18.78
C GLY B 299 3.56 -19.52 19.12
N MET B 300 2.75 -19.26 18.10
CA MET B 300 1.33 -19.08 18.34
C MET B 300 0.70 -20.32 18.96
N LEU B 301 1.11 -21.51 18.51
CA LEU B 301 0.54 -22.72 19.09
C LEU B 301 0.79 -22.81 20.57
N ALA B 302 1.95 -22.34 21.01
CA ALA B 302 2.32 -22.48 22.42
C ALA B 302 1.45 -21.58 23.29
N MET B 303 1.28 -20.33 22.85
CA MET B 303 0.41 -19.38 23.54
C MET B 303 -1.03 -19.83 23.60
N LEU B 304 -1.51 -20.40 22.51
CA LEU B 304 -2.83 -20.99 22.51
C LEU B 304 -2.87 -22.11 23.53
N ASP B 305 -1.71 -22.67 23.84
CA ASP B 305 -1.62 -23.73 24.84
C ASP B 305 -1.60 -23.15 26.26
N SER B 306 -0.75 -22.15 26.48
CA SER B 306 -0.60 -21.51 27.78
C SER B 306 -1.66 -20.46 28.09
N GLY B 307 -2.70 -20.38 27.25
CA GLY B 307 -3.81 -19.46 27.46
C GLY B 307 -3.48 -17.98 27.33
N ARG B 308 -2.21 -17.66 27.12
CA ARG B 308 -1.73 -16.29 26.97
C ARG B 308 -2.32 -15.65 25.68
N MET B 309 -2.58 -16.49 24.67
CA MET B 309 -3.31 -16.08 23.47
C MET B 309 -4.60 -16.87 23.47
N ARG B 310 -5.70 -16.22 23.11
CA ARG B 310 -7.02 -16.80 23.25
C ARG B 310 -7.48 -17.45 21.94
N ILE B 311 -7.15 -16.80 20.83
CA ILE B 311 -7.58 -17.25 19.52
C ILE B 311 -6.56 -16.78 18.48
N ALA B 312 -6.46 -17.51 17.38
CA ALA B 312 -5.59 -17.10 16.26
C ALA B 312 -6.32 -17.36 14.95
N SER B 313 -6.40 -16.30 14.13
CA SER B 313 -6.83 -16.40 12.76
C SER B 313 -5.65 -16.37 11.81
N ALA B 314 -5.68 -17.21 10.81
CA ALA B 314 -4.61 -17.34 9.83
C ALA B 314 -5.19 -17.92 8.55
N SER B 315 -4.36 -18.08 7.54
CA SER B 315 -4.81 -18.84 6.37
C SER B 315 -4.14 -20.21 6.36
N SER B 316 -3.11 -20.41 7.17
CA SER B 316 -2.29 -21.60 7.04
CA SER B 316 -2.25 -21.58 7.03
C SER B 316 -1.55 -21.96 8.33
N PHE B 317 -0.99 -23.18 8.33
CA PHE B 317 -0.08 -23.68 9.37
C PHE B 317 1.34 -23.67 8.90
N SER B 318 2.25 -23.36 9.79
CA SER B 318 3.67 -23.51 9.51
C SER B 318 4.37 -23.96 10.79
N LEU B 319 4.39 -25.28 10.97
CA LEU B 319 4.74 -25.92 12.21
C LEU B 319 5.95 -26.81 12.04
N SER B 320 6.76 -26.85 13.09
CA SER B 320 7.86 -27.79 13.19
C SER B 320 7.25 -29.19 13.33
N PRO B 321 8.05 -30.25 13.11
CA PRO B 321 7.46 -31.58 13.24
C PRO B 321 7.00 -31.85 14.68
N GLU B 322 7.67 -31.19 15.61
CA GLU B 322 7.35 -31.36 17.02
C GLU B 322 5.99 -30.72 17.29
N ALA B 323 5.81 -29.50 16.77
CA ALA B 323 4.55 -28.78 16.92
C ALA B 323 3.40 -29.49 16.15
N ALA B 324 3.68 -29.94 14.93
CA ALA B 324 2.75 -30.75 14.16
C ALA B 324 2.28 -31.96 14.94
N GLU B 325 3.21 -32.68 15.56
CA GLU B 325 2.85 -33.84 16.37
C GLU B 325 1.96 -33.41 17.52
N GLU B 326 2.36 -32.32 18.16
CA GLU B 326 1.59 -31.75 19.26
C GLU B 326 0.13 -31.42 18.88
N ILE B 327 -0.08 -30.73 17.76
CA ILE B 327 -1.43 -30.34 17.41
C ILE B 327 -2.23 -31.55 16.94
N ASN B 328 -1.57 -32.54 16.35
CA ASN B 328 -2.28 -33.71 15.82
C ASN B 328 -2.66 -34.68 16.93
N ASN B 329 -2.11 -34.47 18.12
CA ASN B 329 -2.51 -35.25 19.30
C ASN B 329 -3.70 -34.61 19.98
N ARG B 330 -3.83 -33.29 19.81
CA ARG B 330 -4.80 -32.49 20.56
C ARG B 330 -5.66 -31.62 19.65
N MET B 331 -6.05 -32.15 18.50
CA MET B 331 -6.70 -31.34 17.50
C MET B 331 -8.00 -30.79 18.04
N ASP B 332 -8.64 -31.56 18.92
CA ASP B 332 -9.94 -31.18 19.47
C ASP B 332 -9.78 -29.96 20.39
N PHE B 333 -8.64 -29.86 21.06
CA PHE B 333 -8.32 -28.66 21.83
C PHE B 333 -8.03 -27.47 20.91
N PHE B 334 -7.02 -27.61 20.04
CA PHE B 334 -6.59 -26.53 19.17
C PHE B 334 -7.61 -26.06 18.14
N ARG B 335 -8.40 -26.98 17.60
CA ARG B 335 -9.40 -26.65 16.61
C ARG B 335 -10.38 -25.57 17.08
N SER B 336 -10.61 -25.51 18.39
CA SER B 336 -11.52 -24.51 18.96
C SER B 336 -10.83 -23.17 19.17
N LYS B 337 -9.55 -23.10 18.86
CA LYS B 337 -8.75 -21.92 19.13
C LYS B 337 -8.26 -21.30 17.84
N ILE B 338 -8.50 -21.97 16.71
CA ILE B 338 -7.92 -21.57 15.46
C ILE B 338 -9.01 -21.46 14.41
N ILE B 339 -8.87 -20.44 13.57
CA ILE B 339 -9.72 -20.28 12.40
C ILE B 339 -8.82 -20.06 11.23
N LEU B 340 -8.95 -20.91 10.21
CA LEU B 340 -8.24 -20.75 8.95
C LEU B 340 -9.16 -20.18 7.89
N ARG B 341 -8.74 -19.04 7.34
CA ARG B 341 -9.55 -18.28 6.38
C ARG B 341 -8.90 -18.23 5.02
N GLN B 342 -9.71 -17.95 4.00
CA GLN B 342 -9.22 -17.57 2.69
C GLN B 342 -8.21 -16.45 2.79
N GLN B 343 -7.14 -16.53 2.00
CA GLN B 343 -6.10 -15.51 2.14
C GLN B 343 -6.55 -14.12 1.71
N ASP B 344 -7.56 -14.01 0.87
CA ASP B 344 -8.05 -12.67 0.54
C ASP B 344 -8.92 -12.09 1.68
N VAL B 345 -9.22 -12.90 2.67
CA VAL B 345 -9.84 -12.42 3.92
C VAL B 345 -8.81 -12.19 5.01
N SER B 346 -7.93 -13.16 5.25
CA SER B 346 -6.93 -12.96 6.28
C SER B 346 -6.05 -11.73 5.95
N ASN B 347 -5.81 -11.51 4.66
CA ASN B 347 -4.99 -10.38 4.23
C ASN B 347 -5.77 -9.21 3.67
N SER B 348 -7.04 -9.06 4.07
CA SER B 348 -7.83 -7.96 3.54
C SER B 348 -7.45 -6.65 4.22
N PRO B 349 -7.07 -5.62 3.46
CA PRO B 349 -6.65 -4.35 4.12
C PRO B 349 -7.78 -3.69 4.90
N GLY B 350 -8.99 -3.79 4.38
CA GLY B 350 -10.15 -3.26 5.09
C GLY B 350 -10.34 -3.90 6.45
N ILE B 351 -10.14 -5.21 6.52
CA ILE B 351 -10.30 -5.91 7.78
C ILE B 351 -9.13 -5.61 8.74
N ILE B 352 -7.92 -5.69 8.22
CA ILE B 352 -6.73 -5.43 8.99
C ILE B 352 -6.77 -4.03 9.64
N ARG B 353 -7.17 -3.02 8.90
CA ARG B 353 -7.27 -1.68 9.47
C ARG B 353 -8.33 -1.56 10.54
N ARG B 354 -9.49 -2.17 10.28
CA ARG B 354 -10.61 -2.13 11.19
C ARG B 354 -10.25 -2.77 12.54
N LEU B 355 -9.53 -3.90 12.50
CA LEU B 355 -9.18 -4.62 13.71
C LEU B 355 -8.01 -3.93 14.42
N GLY B 356 -7.29 -3.11 13.67
CA GLY B 356 -6.18 -2.38 14.22
C GLY B 356 -4.97 -3.28 14.50
N CYS B 357 -4.59 -4.10 13.53
CA CYS B 357 -3.52 -5.05 13.72
C CYS B 357 -2.19 -4.42 13.99
N ILE B 358 -1.43 -5.11 14.83
CA ILE B 358 -0.03 -4.81 14.97
C ILE B 358 0.75 -5.72 14.02
N ALA B 359 1.44 -5.11 13.05
CA ALA B 359 2.21 -5.89 12.06
C ALA B 359 3.66 -5.98 12.46
N MET B 360 4.18 -7.20 12.50
CA MET B 360 5.55 -7.45 12.89
C MET B 360 6.19 -8.25 11.77
N ASN B 361 7.08 -7.66 10.99
CA ASN B 361 7.64 -8.38 9.85
C ASN B 361 9.18 -8.32 9.79
N GLY B 362 9.77 -9.34 9.16
CA GLY B 362 11.21 -9.35 8.94
C GLY B 362 11.61 -8.50 7.76
N MET B 363 12.89 -8.45 7.42
CA MET B 363 13.34 -7.69 6.26
C MET B 363 14.72 -8.09 5.87
N ILE B 364 15.05 -7.88 4.60
CA ILE B 364 16.43 -8.02 4.15
C ILE B 364 17.24 -6.84 4.72
N GLU B 365 16.82 -5.62 4.40
CA GLU B 365 17.55 -4.46 4.80
C GLU B 365 16.58 -3.28 4.86
N ALA B 366 17.01 -2.22 5.54
CA ALA B 366 16.35 -0.93 5.46
C ALA B 366 17.40 0.14 5.17
N ASP B 367 17.02 1.24 4.52
CA ASP B 367 17.98 2.30 4.36
C ASP B 367 17.89 3.21 5.60
N ILE B 368 18.72 4.24 5.67
CA ILE B 368 18.78 5.09 6.84
C ILE B 368 17.48 5.91 6.98
N TYR B 369 16.71 6.07 5.90
CA TYR B 369 15.44 6.76 5.98
C TYR B 369 14.30 5.77 6.31
N GLY B 370 14.61 4.49 6.42
CA GLY B 370 13.59 3.53 6.83
C GLY B 370 12.67 3.06 5.74
N ASN B 371 13.13 3.10 4.48
CA ASN B 371 12.56 2.27 3.40
C ASN B 371 13.04 0.85 3.62
N VAL B 372 12.19 -0.12 3.32
CA VAL B 372 12.45 -1.51 3.59
C VAL B 372 12.47 -2.38 2.31
N ASN B 373 13.52 -3.20 2.24
CA ASN B 373 13.65 -4.27 1.23
C ASN B 373 13.32 -5.61 1.88
N SER B 374 12.35 -6.33 1.33
CA SER B 374 11.88 -7.60 1.88
C SER B 374 12.25 -8.77 0.98
N THR B 375 12.86 -8.49 -0.15
CA THR B 375 12.80 -9.47 -1.24
C THR B 375 14.04 -9.67 -2.07
N ARG B 376 14.73 -8.59 -2.42
CA ARG B 376 15.71 -8.66 -3.49
C ARG B 376 17.09 -8.25 -3.05
N VAL B 377 17.93 -9.25 -2.85
CA VAL B 377 19.29 -9.04 -2.45
C VAL B 377 20.10 -8.40 -3.60
N MET B 378 20.85 -7.38 -3.22
CA MET B 378 21.58 -6.51 -4.12
C MET B 378 20.66 -5.83 -5.10
N GLY B 379 19.35 -5.91 -4.85
CA GLY B 379 18.35 -5.27 -5.69
C GLY B 379 17.84 -6.16 -6.82
N SER B 380 18.47 -7.30 -7.02
CA SER B 380 18.20 -8.10 -8.23
C SER B 380 17.95 -9.59 -8.02
N LYS B 381 18.28 -10.12 -6.86
CA LYS B 381 18.20 -11.56 -6.64
C LYS B 381 17.07 -11.91 -5.68
N MET B 382 16.02 -12.55 -6.19
CA MET B 382 14.87 -12.81 -5.38
C MET B 382 15.22 -13.76 -4.24
N MET B 383 14.75 -13.40 -3.06
CA MET B 383 14.77 -14.32 -1.92
C MET B 383 13.47 -15.14 -1.97
N ASN B 384 12.42 -14.65 -1.30
CA ASN B 384 11.13 -15.34 -1.30
C ASN B 384 10.05 -14.57 -2.04
N GLY B 385 9.68 -13.40 -1.53
CA GLY B 385 8.65 -12.56 -2.15
C GLY B 385 8.10 -11.57 -1.12
N ILE B 386 7.30 -10.61 -1.55
CA ILE B 386 6.80 -9.61 -0.62
C ILE B 386 5.76 -10.29 0.30
N GLY B 387 5.10 -11.33 -0.21
CA GLY B 387 4.11 -12.02 0.59
C GLY B 387 2.98 -11.12 1.03
N GLY B 388 2.57 -11.25 2.30
CA GLY B 388 1.58 -10.38 2.86
C GLY B 388 2.13 -9.22 3.68
N SER B 389 3.44 -8.98 3.61
CA SER B 389 4.05 -7.92 4.42
C SER B 389 3.52 -6.54 4.04
N GLY B 390 3.18 -6.34 2.77
CA GLY B 390 2.60 -5.09 2.34
C GLY B 390 1.16 -4.91 2.80
N ASP B 391 0.36 -5.95 2.62
CA ASP B 391 -1.03 -5.98 3.04
C ASP B 391 -1.09 -5.48 4.49
N PHE B 392 -0.29 -6.11 5.35
CA PHE B 392 -0.31 -5.79 6.78
C PHE B 392 0.44 -4.49 7.12
N ALA B 393 1.60 -4.24 6.54
CA ALA B 393 2.37 -3.04 6.93
C ALA B 393 1.54 -1.77 6.71
N ARG B 394 0.94 -1.67 5.53
CA ARG B 394 0.30 -0.44 5.18
C ARG B 394 -1.04 -0.26 5.91
N SER B 395 -1.71 -1.38 6.23
CA SER B 395 -3.04 -1.38 6.85
C SER B 395 -3.02 -1.33 8.37
N SER B 396 -1.91 -1.75 8.92
CA SER B 396 -1.80 -1.94 10.34
C SER B 396 -1.92 -0.64 11.12
N TYR B 397 -2.22 -0.80 12.41
CA TYR B 397 -2.18 0.28 13.38
C TYR B 397 -0.74 0.67 13.67
N LEU B 398 0.11 -0.33 13.76
CA LEU B 398 1.53 -0.14 14.03
CA LEU B 398 1.51 -0.10 14.00
C LEU B 398 2.30 -1.09 13.14
N SER B 399 3.20 -0.55 12.32
CA SER B 399 3.99 -1.37 11.40
C SER B 399 5.41 -1.46 11.95
N ILE B 400 5.77 -2.67 12.35
CA ILE B 400 7.07 -2.97 12.91
C ILE B 400 7.92 -3.86 12.02
N PHE B 401 9.17 -3.48 11.84
CA PHE B 401 10.08 -4.35 11.10
C PHE B 401 11.25 -4.75 11.97
N LEU B 402 11.60 -6.04 11.88
CA LEU B 402 12.61 -6.63 12.75
C LEU B 402 13.69 -7.44 12.02
N SER B 403 14.93 -7.28 12.49
CA SER B 403 16.07 -7.87 11.81
C SER B 403 17.36 -7.83 12.62
N PRO B 404 18.21 -8.86 12.44
CA PRO B 404 19.60 -8.72 12.88
C PRO B 404 20.17 -7.48 12.21
N SER B 405 21.07 -6.73 12.86
CA SER B 405 21.60 -5.52 12.26
C SER B 405 22.63 -5.86 11.17
N THR B 406 23.02 -7.11 11.08
CA THR B 406 23.96 -7.55 10.08
C THR B 406 23.54 -8.91 9.55
N ALA B 407 24.11 -9.28 8.40
CA ALA B 407 23.91 -10.56 7.78
C ALA B 407 25.27 -11.10 7.34
N LYS B 408 25.32 -12.40 7.04
CA LYS B 408 26.51 -13.05 6.49
C LYS B 408 27.71 -12.85 7.39
N GLY B 409 27.50 -13.11 8.67
CA GLY B 409 28.56 -13.05 9.66
C GLY B 409 29.18 -11.68 9.79
N GLY B 410 28.40 -10.62 9.66
CA GLY B 410 28.93 -9.27 9.78
C GLY B 410 29.43 -8.62 8.48
N LYS B 411 29.42 -9.35 7.38
CA LYS B 411 29.92 -8.85 6.09
C LYS B 411 28.88 -8.04 5.32
N ILE B 412 27.62 -8.07 5.77
CA ILE B 412 26.57 -7.20 5.24
C ILE B 412 25.92 -6.42 6.39
N SER B 413 25.71 -5.14 6.20
CA SER B 413 24.86 -4.37 7.10
C SER B 413 23.40 -4.39 6.65
N ALA B 414 22.50 -4.62 7.59
CA ALA B 414 21.07 -4.62 7.30
C ALA B 414 20.55 -3.18 7.26
N ILE B 415 21.36 -2.23 7.75
CA ILE B 415 21.09 -0.80 7.54
C ILE B 415 22.10 -0.22 6.54
N VAL B 416 21.58 0.30 5.42
CA VAL B 416 22.37 0.77 4.28
C VAL B 416 22.03 2.23 3.92
N PRO B 417 22.93 2.91 3.17
CA PRO B 417 22.64 4.29 2.77
C PRO B 417 21.32 4.37 2.01
N MET B 418 21.15 3.42 1.10
CA MET B 418 19.96 3.32 0.26
C MET B 418 19.65 1.84 0.03
N ALA B 419 18.39 1.48 0.18
CA ALA B 419 17.94 0.11 -0.09
C ALA B 419 18.15 -0.16 -1.58
N ALA B 420 18.63 -1.34 -1.93
CA ALA B 420 18.86 -1.64 -3.34
C ALA B 420 17.54 -1.90 -4.07
N HIS B 421 16.50 -2.20 -3.30
CA HIS B 421 15.13 -2.38 -3.80
C HIS B 421 14.20 -2.00 -2.67
N VAL B 422 13.07 -1.40 -2.99
CA VAL B 422 12.08 -1.03 -1.98
C VAL B 422 10.79 -1.84 -2.10
N ASP B 423 10.41 -2.46 -0.99
CA ASP B 423 9.08 -3.08 -0.86
C ASP B 423 8.15 -2.25 0.01
N HIS B 424 8.67 -1.66 1.09
CA HIS B 424 7.85 -0.87 1.99
C HIS B 424 8.44 0.52 2.14
N ILE B 425 7.66 1.49 1.72
CA ILE B 425 8.06 2.89 1.76
C ILE B 425 8.07 3.41 3.18
N MET B 426 8.73 4.53 3.40
CA MET B 426 8.80 5.16 4.72
C MET B 426 7.48 5.21 5.44
N GLN B 427 6.41 5.51 4.69
CA GLN B 427 5.10 5.72 5.25
C GLN B 427 4.53 4.42 5.82
N ASP B 428 5.11 3.31 5.38
CA ASP B 428 4.61 2.00 5.77
C ASP B 428 5.44 1.32 6.86
N ALA B 429 6.42 2.06 7.43
CA ALA B 429 7.30 1.52 8.49
C ALA B 429 7.45 2.52 9.66
N GLN B 430 6.91 2.19 10.83
CA GLN B 430 6.98 3.14 11.95
C GLN B 430 8.02 2.77 12.97
N ILE B 431 8.24 1.46 13.16
CA ILE B 431 9.12 0.97 14.18
C ILE B 431 10.13 -0.02 13.56
N PHE B 432 11.42 0.19 13.86
CA PHE B 432 12.48 -0.75 13.57
C PHE B 432 13.16 -1.30 14.83
N VAL B 433 13.39 -2.61 14.85
CA VAL B 433 14.08 -3.27 15.94
C VAL B 433 15.21 -4.17 15.42
N THR B 434 16.42 -3.94 15.95
CA THR B 434 17.55 -4.85 15.75
C THR B 434 18.08 -5.22 17.09
N GLU B 435 19.10 -6.08 17.11
CA GLU B 435 19.63 -6.48 18.40
C GLU B 435 20.37 -5.30 19.03
N GLN B 436 20.48 -4.17 18.33
CA GLN B 436 21.17 -3.00 18.88
C GLN B 436 20.23 -2.02 19.54
N GLY B 437 18.93 -2.16 19.29
CA GLY B 437 17.97 -1.21 19.84
C GLY B 437 16.79 -1.01 18.91
N LEU B 438 15.89 -0.14 19.35
CA LEU B 438 14.63 0.10 18.68
C LEU B 438 14.53 1.54 18.27
N ALA B 439 14.12 1.79 17.03
CA ALA B 439 13.90 3.15 16.53
C ALA B 439 12.39 3.42 16.37
N ASP B 440 11.90 4.42 17.09
CA ASP B 440 10.50 4.82 17.02
C ASP B 440 10.45 6.04 16.10
N LEU B 441 9.91 5.84 14.89
CA LEU B 441 9.94 6.89 13.85
C LEU B 441 8.65 7.71 13.71
N ARG B 442 7.69 7.48 14.59
CA ARG B 442 6.38 8.11 14.41
C ARG B 442 6.46 9.64 14.48
N GLY B 443 5.86 10.31 13.50
CA GLY B 443 5.84 11.77 13.49
C GLY B 443 7.11 12.43 12.96
N LEU B 444 8.12 11.65 12.55
CA LEU B 444 9.46 12.16 12.16
C LEU B 444 9.63 12.37 10.68
N SER B 445 10.28 13.46 10.33
CA SER B 445 10.78 13.69 8.96
C SER B 445 11.88 12.68 8.57
N PRO B 446 12.17 12.55 7.28
CA PRO B 446 13.25 11.63 6.90
C PRO B 446 14.61 11.89 7.57
N VAL B 447 15.10 13.12 7.73
CA VAL B 447 16.37 13.26 8.41
C VAL B 447 16.25 12.86 9.86
N GLN B 448 15.10 13.11 10.47
CA GLN B 448 14.91 12.70 11.85
C GLN B 448 14.85 11.18 11.96
N ARG B 449 14.27 10.52 10.96
CA ARG B 449 14.20 9.08 10.92
C ARG B 449 15.62 8.48 10.88
N ALA B 450 16.45 9.05 9.99
CA ALA B 450 17.86 8.69 9.84
C ALA B 450 18.59 8.73 11.14
N ARG B 451 18.43 9.82 11.88
CA ARG B 451 19.16 9.91 13.14
C ARG B 451 18.76 8.79 14.10
N GLU B 452 17.47 8.47 14.20
CA GLU B 452 17.02 7.35 15.03
C GLU B 452 17.50 5.99 14.54
N ILE B 453 17.37 5.73 13.25
CA ILE B 453 17.75 4.44 12.70
C ILE B 453 19.24 4.21 12.84
N ILE B 454 20.04 5.21 12.47
CA ILE B 454 21.50 5.07 12.60
C ILE B 454 21.94 4.87 14.05
N SER B 455 21.43 5.70 14.95
CA SER B 455 21.90 5.62 16.32
C SER B 455 21.34 4.41 17.11
N LYS B 456 20.13 3.96 16.81
CA LYS B 456 19.51 2.91 17.61
C LYS B 456 19.72 1.51 17.05
N CYS B 457 19.66 1.40 15.71
CA CYS B 457 19.55 0.12 15.03
C CYS B 457 20.82 -0.39 14.35
N ALA B 458 21.69 0.52 13.90
CA ALA B 458 22.81 0.07 13.10
C ALA B 458 23.87 -0.65 13.96
N HIS B 459 24.58 -1.61 13.38
CA HIS B 459 25.65 -2.28 14.07
C HIS B 459 26.82 -1.30 14.30
N PRO B 460 27.50 -1.40 15.45
CA PRO B 460 28.62 -0.49 15.69
C PRO B 460 29.71 -0.53 14.60
N ASP B 461 29.93 -1.67 13.94
CA ASP B 461 30.90 -1.74 12.82
C ASP B 461 30.53 -0.82 11.69
N TYR B 462 29.24 -0.61 11.49
CA TYR B 462 28.74 0.13 10.33
C TYR B 462 28.22 1.53 10.63
N ARG B 463 27.92 1.80 11.89
CA ARG B 463 27.27 3.06 12.29
C ARG B 463 28.12 4.33 11.94
N PRO B 464 29.44 4.32 12.18
CA PRO B 464 30.20 5.51 11.76
C PRO B 464 30.19 5.70 10.23
N MET B 465 30.19 4.61 9.48
CA MET B 465 30.10 4.71 8.02
C MET B 465 28.74 5.26 7.54
N LEU B 466 27.65 4.82 8.17
CA LEU B 466 26.34 5.39 7.88
C LEU B 466 26.25 6.86 8.25
N GLN B 467 26.80 7.21 9.41
CA GLN B 467 26.79 8.61 9.85
C GLN B 467 27.60 9.49 8.92
N ASP B 468 28.70 8.94 8.41
CA ASP B 468 29.54 9.64 7.46
C ASP B 468 28.80 9.91 6.15
N TYR B 469 28.13 8.90 5.62
CA TYR B 469 27.31 9.05 4.46
C TYR B 469 26.24 10.13 4.68
N PHE B 470 25.48 10.00 5.77
CA PHE B 470 24.42 10.95 6.06
C PHE B 470 24.93 12.40 6.21
N ASP B 471 26.05 12.59 6.92
CA ASP B 471 26.56 13.94 7.14
C ASP B 471 27.06 14.57 5.84
N ARG B 472 27.73 13.82 4.98
CA ARG B 472 28.16 14.37 3.70
C ARG B 472 26.96 14.61 2.77
N ALA B 473 25.96 13.74 2.84
CA ALA B 473 24.71 13.94 2.08
C ALA B 473 24.02 15.22 2.51
N LEU B 474 23.89 15.46 3.80
CA LEU B 474 23.27 16.71 4.23
CA LEU B 474 23.29 16.72 4.26
C LEU B 474 24.02 17.94 3.69
N LYS B 475 25.34 17.82 3.51
CA LYS B 475 26.11 18.94 2.96
C LYS B 475 26.03 19.07 1.45
N ASN B 476 25.99 17.93 0.76
CA ASN B 476 26.22 17.93 -0.68
C ASN B 476 25.05 17.44 -1.52
N SER B 477 23.97 17.01 -0.88
CA SER B 477 22.87 16.42 -1.65
C SER B 477 22.16 17.48 -2.52
N PHE B 478 21.66 17.06 -3.68
CA PHE B 478 20.81 17.90 -4.56
C PHE B 478 19.67 18.63 -3.82
N GLY B 479 18.83 17.91 -3.08
CA GLY B 479 17.91 18.53 -2.12
C GLY B 479 18.20 18.08 -0.69
N LYS B 480 17.70 18.78 0.32
CA LYS B 480 18.00 18.37 1.70
C LYS B 480 16.84 17.73 2.41
N HIS B 481 15.74 17.48 1.71
CA HIS B 481 14.61 16.82 2.37
C HIS B 481 14.92 15.38 2.66
N THR B 482 15.52 14.68 1.69
CA THR B 482 15.91 13.32 1.89
C THR B 482 17.33 13.16 1.31
N PRO B 483 18.35 13.62 2.05
CA PRO B 483 19.71 13.78 1.51
C PRO B 483 20.32 12.49 0.98
N HIS B 484 20.79 12.52 -0.26
CA HIS B 484 21.57 11.42 -0.77
C HIS B 484 22.83 11.87 -1.56
N LEU B 485 23.83 10.99 -1.59
CA LEU B 485 24.97 11.09 -2.52
C LEU B 485 24.81 9.94 -3.49
N LEU B 486 24.30 10.27 -4.68
CA LEU B 486 23.93 9.22 -5.63
C LEU B 486 25.15 8.49 -6.14
N THR B 487 26.34 9.10 -6.06
CA THR B 487 27.55 8.42 -6.48
C THR B 487 27.91 7.30 -5.49
N GLU B 488 27.40 7.32 -4.25
CA GLU B 488 27.74 6.23 -3.34
C GLU B 488 26.55 5.58 -2.68
N ALA B 489 25.33 6.02 -2.96
CA ALA B 489 24.15 5.42 -2.33
C ALA B 489 24.12 3.89 -2.41
N LEU B 490 24.50 3.34 -3.55
CA LEU B 490 24.45 1.90 -3.71
C LEU B 490 25.84 1.27 -3.67
N SER B 491 26.85 2.04 -3.20
CA SER B 491 28.25 1.57 -3.27
C SER B 491 28.58 0.44 -2.27
N TRP B 492 27.80 0.30 -1.19
CA TRP B 492 28.06 -0.75 -0.22
C TRP B 492 27.68 -2.10 -0.82
N HIS B 493 26.59 -2.08 -1.56
CA HIS B 493 26.10 -3.26 -2.25
C HIS B 493 27.11 -3.63 -3.32
N GLN B 494 27.56 -2.65 -4.11
CA GLN B 494 28.56 -3.00 -5.08
C GLN B 494 29.84 -3.49 -4.40
N ARG B 495 30.20 -2.91 -3.26
CA ARG B 495 31.39 -3.33 -2.58
C ARG B 495 31.22 -4.83 -2.16
N PHE B 496 30.05 -5.21 -1.73
CA PHE B 496 29.81 -6.60 -1.36
C PHE B 496 29.92 -7.53 -2.56
N ILE B 497 29.33 -7.13 -3.68
CA ILE B 497 29.48 -7.87 -4.93
C ILE B 497 30.98 -8.02 -5.29
N ASP B 498 31.73 -6.93 -5.24
CA ASP B 498 33.15 -6.95 -5.68
C ASP B 498 34.08 -7.72 -4.71
N THR B 499 33.83 -7.67 -3.41
CA THR B 499 34.82 -8.09 -2.42
C THR B 499 34.29 -9.10 -1.40
N GLY B 500 32.99 -9.28 -1.40
CA GLY B 500 32.36 -10.21 -0.48
C GLY B 500 32.03 -9.62 0.89
N THR B 501 32.27 -8.32 1.05
CA THR B 501 31.92 -7.66 2.30
C THR B 501 31.67 -6.18 2.08
N MET B 502 30.84 -5.62 2.96
CA MET B 502 30.50 -4.20 2.89
C MET B 502 31.49 -3.33 3.68
N LEU B 503 32.34 -3.97 4.44
CA LEU B 503 33.41 -3.28 5.14
C LEU B 503 34.55 -2.90 4.19
N PRO B 504 35.00 -1.64 4.21
CA PRO B 504 36.18 -1.28 3.42
C PRO B 504 37.41 -2.07 3.84
N SER B 505 38.33 -2.28 2.90
CA SER B 505 39.61 -2.95 3.18
C SER B 505 40.26 -2.48 4.48
CL CL C . 3.59 9.35 11.39
CL CL D . -14.91 -0.67 6.22
N1A 0T1 E . 12.26 14.89 -13.12
C2A 0T1 E . 12.16 16.13 -12.65
N3A 0T1 E . 11.10 16.91 -12.54
C4A 0T1 E . 9.98 16.33 -13.00
C5M 0T1 E . 9.90 15.06 -13.50
C6A 0T1 E . 11.13 14.30 -13.57
N6A 0T1 E . 11.18 13.10 -14.03
N7A 0T1 E . 8.62 14.78 -13.86
C8A 0T1 E . 7.94 15.88 -13.55
N9A 0T1 E . 8.72 16.84 -13.03
C1B 0T1 E . 8.33 18.17 -12.59
C2B 0T1 E . 7.92 19.10 -13.72
O2B 0T1 E . 9.04 19.79 -14.21
C3B 0T1 E . 6.95 20.00 -12.97
O3B 0T1 E . 7.65 20.98 -12.18
C4B 0T1 E . 6.23 19.02 -12.07
O4B 0T1 E . 7.22 18.04 -11.74
C5B 0T1 E . 4.98 18.36 -12.63
O5B 0T1 E . 5.10 17.97 -13.98
P1A 0T1 E . 3.97 17.63 -14.88
O1A 0T1 E . 4.45 17.02 -16.16
O2A 0T1 E . 3.10 18.89 -15.04
O3A 0T1 E . 3.14 16.57 -14.04
P2A 0T1 E . 1.81 16.54 -13.18
O4A 0T1 E . 1.15 17.90 -13.15
O5A 0T1 E . 1.10 15.30 -13.75
O6A 0T1 E . 2.45 16.30 -11.75
CBP 0T1 E . 3.47 15.07 -9.95
CCP 0T1 E . 3.34 15.25 -11.45
CDP 0T1 E . 4.15 13.73 -9.68
CEP 0T1 E . 4.30 16.20 -9.36
CAP 0T1 E . 2.05 15.08 -9.32
OAP 0T1 E . 1.24 14.13 -9.95
C9P 0T1 E . 2.07 14.84 -7.79
O9P 0T1 E . 2.40 15.73 -7.03
N8P 0T1 E . 1.65 13.65 -7.41
C7P 0T1 E . 1.56 13.25 -6.03
C6P 0T1 E . 0.15 13.55 -5.47
C5P 0T1 E . -0.89 12.59 -5.99
O5P 0T1 E . -0.62 11.73 -6.81
N4P 0T1 E . -2.10 12.72 -5.48
C3P 0T1 E . -3.22 11.89 -5.86
C2P 0T1 E . -4.11 12.56 -6.83
C1P 0T1 E . -5.02 13.56 -6.11
C ACE F . -4.32 14.60 -3.20
O ACE F . -3.43 13.78 -3.36
CH3 ACE F . -3.92 16.01 -2.91
C FMT G . -25.07 7.37 -9.13
O1 FMT G . -25.39 6.27 -9.42
O2 FMT G . -25.94 8.24 -9.09
N1 IMD H . 15.99 3.06 -3.84
C2 IMD H . 15.49 3.96 -4.64
N3 IMD H . 15.14 3.37 -5.76
C4 IMD H . 15.43 2.04 -5.67
C5 IMD H . 15.97 1.85 -4.46
N1 IMD I . 25.62 7.09 -9.59
C2 IMD I . 26.08 5.88 -9.80
N3 IMD I . 27.26 5.97 -10.38
C4 IMD I . 27.57 7.29 -10.55
C5 IMD I . 26.53 7.99 -10.05
CL CL J . -0.77 -8.77 -11.98
CL CL K . -15.00 -5.20 4.21
N1A 0T1 L . 21.61 -9.40 2.70
C2A 0T1 L . 21.63 -10.67 2.27
N3A 0T1 L . 21.02 -11.73 2.76
C4A 0T1 L . 20.30 -11.45 3.86
C5M 0T1 L . 20.16 -10.21 4.43
C6A 0T1 L . 20.86 -9.14 3.80
N6A 0T1 L . 20.80 -7.95 4.28
N7A 0T1 L . 19.33 -10.29 5.54
C8A 0T1 L . 18.99 -11.59 5.59
N9A 0T1 L . 19.54 -12.31 4.60
C1B 0T1 L . 19.38 -13.75 4.38
C2B 0T1 L . 20.10 -14.63 5.40
O2B 0T1 L . 21.41 -14.92 4.97
C3B 0T1 L . 19.23 -15.87 5.31
O3B 0T1 L . 19.50 -16.58 4.08
P3B 0T1 L . 20.66 -17.67 3.97
O7A 0T1 L . 20.41 -18.54 2.77
O8A 0T1 L . 22.00 -16.93 3.89
O9A 0T1 L . 20.59 -18.55 5.23
C4B 0T1 L . 17.85 -15.28 5.21
O4B 0T1 L . 18.01 -14.07 4.48
C5B 0T1 L . 17.06 -15.05 6.48
O5B 0T1 L . 17.73 -14.25 7.39
P1A 0T1 L . 17.11 -14.27 8.75
O1A 0T1 L . 17.95 -13.51 9.73
O2A 0T1 L . 16.81 -15.74 9.11
O3A 0T1 L . 15.70 -13.58 8.53
P2A 0T1 L . 14.18 -14.01 8.55
O4A 0T1 L . 14.07 -15.50 8.67
O5A 0T1 L . 13.51 -13.06 9.56
O6A 0T1 L . 13.70 -13.58 7.10
CBP 0T1 L . 13.06 -12.29 5.16
CCP 0T1 L . 13.88 -12.35 6.44
CDP 0T1 L . 12.99 -10.83 4.69
CEP 0T1 L . 13.73 -13.13 4.09
CAP 0T1 L . 11.61 -12.81 5.40
OAP 0T1 L . 11.00 -12.05 6.42
C9P 0T1 L . 10.76 -12.74 4.13
O9P 0T1 L . 10.90 -13.56 3.24
N8P 0T1 L . 9.88 -11.76 4.06
C7P 0T1 L . 9.02 -11.56 2.92
C6P 0T1 L . 7.62 -12.19 3.16
C5P 0T1 L . 6.94 -11.65 4.40
O5P 0T1 L . 7.38 -10.68 5.00
N4P 0T1 L . 5.86 -12.27 4.77
C3P 0T1 L . 5.07 -11.91 5.95
C ACT M . 7.39 -20.62 4.04
O ACT M . 7.48 -21.46 3.16
OXT ACT M . 6.58 -19.71 3.96
CH3 ACT M . 8.27 -20.75 5.24
N1 IMD N . -5.11 2.23 21.23
C2 IMD N . -5.17 2.99 22.30
N3 IMD N . -6.00 2.44 23.16
C4 IMD N . -6.48 1.29 22.63
C5 IMD N . -5.91 1.15 21.42
N1 IMD O . 27.51 3.38 -6.80
C2 IMD O . 28.80 3.62 -6.95
N3 IMD O . 29.45 2.47 -7.03
C4 IMD O . 28.53 1.47 -6.95
C5 IMD O . 27.32 2.03 -6.81
#